data_4DK1
#
_entry.id   4DK1
#
_cell.length_a   151.708
_cell.length_b   151.708
_cell.length_c   216.953
_cell.angle_alpha   90.00
_cell.angle_beta   90.00
_cell.angle_gamma   120.00
#
_symmetry.space_group_name_H-M   'P 3 2 1'
#
_entity_poly.entity_id   1
_entity_poly.type   'polypeptide(L)'
_entity_poly.pdbx_seq_one_letter_code
;GA(MSE)DTTYLTEEVKRGNIEKNVVATGSIESINTVDVGAQVSGKITKLYVKLGQQVKKGDLLAEIDPATYEADYQSAQ
ANLASTQEQAQRYKLLVADQAVSKQQYADANAAYLQSKAAVEQARINLRYTKITSPIDGTVISTPVSEGQTVNSNQTTPT
IIKVADLSK(MSE)RIKPEISEGDITKVKAGQDVTFTILSDNKTVYHAKIDSVDPATTTISDNSSSNSSSSGSSSSSGSS
SSAVYYYANIIVENPEHVLRIG(MSE)TTENNIKIADVQNVLFIPNLAVQKQQDKYVVNVLNGNTTQEREIEIGVQNDFQ
TEVKSGLTEGEKVVISQVAAGETFGDPDAPIIF
;
_entity_poly.pdbx_strand_id   A,B,C,D
#
# COMPACT_ATOMS: atom_id res chain seq x y z
N THR A 9 96.95 -13.05 48.66
CA THR A 9 96.25 -13.31 49.92
C THR A 9 95.10 -14.31 49.68
N GLU A 10 95.42 -15.49 49.14
CA GLU A 10 94.40 -16.41 48.63
C GLU A 10 94.87 -17.85 48.46
N GLU A 11 93.92 -18.78 48.39
CA GLU A 11 94.28 -20.17 48.16
C GLU A 11 93.17 -20.97 47.46
N VAL A 12 92.81 -22.13 48.00
CA VAL A 12 91.97 -23.05 47.24
C VAL A 12 90.51 -23.23 47.69
N LYS A 13 89.64 -23.18 46.68
CA LYS A 13 88.46 -24.05 46.49
C LYS A 13 87.15 -23.39 46.21
N ARG A 14 86.28 -23.58 47.19
CA ARG A 14 85.07 -22.86 47.28
C ARG A 14 84.15 -23.14 46.12
N GLY A 15 83.76 -22.04 45.49
CA GLY A 15 82.49 -21.95 44.86
C GLY A 15 81.94 -20.62 45.25
N ASN A 16 82.61 -19.61 44.73
CA ASN A 16 81.97 -18.33 44.53
C ASN A 16 82.33 -17.85 43.12
N ILE A 17 82.18 -18.66 42.05
CA ILE A 17 82.40 -17.97 40.78
C ILE A 17 81.17 -17.25 40.28
N GLU A 18 81.38 -16.02 39.82
CA GLU A 18 80.32 -15.31 39.13
C GLU A 18 81.01 -14.75 37.92
N LYS A 19 80.60 -15.18 36.74
CA LYS A 19 81.28 -14.76 35.53
C LYS A 19 80.89 -13.34 35.12
N ASN A 20 79.60 -13.05 35.14
CA ASN A 20 79.02 -11.76 34.72
C ASN A 20 79.35 -11.28 33.33
N VAL A 21 78.48 -10.47 32.75
CA VAL A 21 78.97 -9.55 31.75
C VAL A 21 78.36 -8.30 32.19
N VAL A 22 78.75 -7.25 31.52
CA VAL A 22 78.19 -5.96 31.85
C VAL A 22 78.06 -5.19 30.58
N ALA A 23 76.88 -4.59 30.45
CA ALA A 23 76.64 -3.41 29.62
C ALA A 23 75.66 -2.53 30.29
N THR A 24 75.38 -1.48 29.57
CA THR A 24 74.80 -0.30 30.12
C THR A 24 73.40 -0.27 29.61
N GLY A 25 72.44 -0.14 30.50
CA GLY A 25 71.07 -0.22 30.04
C GLY A 25 70.42 1.14 29.85
N SER A 26 69.87 1.38 28.66
CA SER A 26 68.86 2.44 28.44
C SER A 26 67.52 1.86 28.91
N ILE A 27 66.92 2.47 29.89
CA ILE A 27 65.67 1.98 30.43
C ILE A 27 64.44 2.54 29.72
N GLU A 28 63.33 1.82 29.87
CA GLU A 28 62.12 2.01 29.08
C GLU A 28 60.79 1.65 29.78
N SER A 29 59.71 2.10 29.15
CA SER A 29 58.37 1.69 29.56
C SER A 29 57.83 0.57 28.72
N ILE A 30 57.00 -0.24 29.34
CA ILE A 30 56.65 -1.52 28.78
C ILE A 30 55.79 -1.32 27.52
N ASN A 31 54.72 -0.54 27.68
CA ASN A 31 54.20 0.22 26.54
C ASN A 31 53.69 1.64 26.68
N THR A 32 53.53 2.17 25.47
CA THR A 32 54.07 3.39 24.97
C THR A 32 53.47 3.59 23.65
N VAL A 33 52.66 4.63 23.51
CA VAL A 33 52.04 4.90 22.21
C VAL A 33 51.62 6.31 21.90
N ASP A 34 51.76 6.59 20.62
CA ASP A 34 51.60 7.89 20.02
C ASP A 34 50.28 7.82 19.30
N VAL A 35 49.58 8.94 19.32
CA VAL A 35 48.17 8.98 19.03
C VAL A 35 47.77 10.33 18.35
N GLY A 36 47.14 10.21 17.16
CA GLY A 36 46.59 11.31 16.38
C GLY A 36 45.88 10.74 15.15
N ALA A 37 44.71 11.25 14.81
CA ALA A 37 43.85 10.40 13.97
C ALA A 37 43.83 10.59 12.45
N GLN A 38 42.96 9.82 11.79
CA GLN A 38 42.98 9.68 10.34
C GLN A 38 42.38 10.91 9.73
N VAL A 39 41.93 11.83 10.59
CA VAL A 39 41.25 13.10 10.19
C VAL A 39 42.13 14.22 9.71
N SER A 40 41.64 15.44 9.59
CA SER A 40 42.59 16.51 9.38
C SER A 40 41.96 17.46 10.26
N GLY A 41 42.06 18.71 9.85
CA GLY A 41 41.32 19.78 10.47
C GLY A 41 41.68 20.14 11.91
N LYS A 42 41.64 21.44 12.22
CA LYS A 42 42.23 22.00 13.41
C LYS A 42 41.57 21.52 14.61
N ILE A 43 42.05 21.91 15.76
CA ILE A 43 41.55 21.22 16.91
C ILE A 43 40.81 22.25 17.75
N THR A 44 40.43 21.91 18.96
CA THR A 44 39.41 22.69 19.54
C THR A 44 39.47 22.61 21.02
N LYS A 45 39.51 21.37 21.50
CA LYS A 45 39.43 21.14 22.91
C LYS A 45 40.40 20.04 23.15
N LEU A 46 41.28 20.30 24.13
CA LEU A 46 42.36 19.42 24.51
C LEU A 46 42.22 19.16 26.01
N TYR A 47 42.29 17.91 26.41
CA TYR A 47 41.76 17.56 27.71
C TYR A 47 42.76 17.28 28.78
N VAL A 48 43.99 16.90 28.37
CA VAL A 48 45.08 16.54 29.29
C VAL A 48 46.24 17.58 29.35
N LYS A 49 47.10 17.41 30.39
CA LYS A 49 48.49 17.92 30.42
C LYS A 49 49.58 16.86 30.81
N LEU A 50 50.76 17.45 30.91
CA LEU A 50 52.05 16.85 31.05
C LEU A 50 52.26 15.35 31.21
N GLY A 51 51.46 14.63 32.02
CA GLY A 51 51.76 13.49 32.87
C GLY A 51 50.50 13.55 33.66
N GLN A 52 49.45 13.07 33.01
CA GLN A 52 48.23 12.80 33.67
C GLN A 52 48.20 11.30 33.66
N GLN A 53 47.62 10.76 34.72
CA GLN A 53 47.15 9.40 34.71
C GLN A 53 45.85 9.44 33.91
N VAL A 54 45.73 8.54 32.94
CA VAL A 54 44.50 8.39 32.15
C VAL A 54 44.13 6.90 32.05
N LYS A 55 42.88 6.58 32.36
CA LYS A 55 42.31 5.24 32.13
C LYS A 55 41.73 5.20 30.72
N LYS A 56 41.22 4.05 30.28
CA LYS A 56 40.91 3.82 28.85
C LYS A 56 40.16 4.85 27.99
N GLY A 57 40.24 4.60 26.69
CA GLY A 57 39.63 5.46 25.72
C GLY A 57 39.37 6.95 25.95
N ASP A 58 40.00 7.63 26.86
CA ASP A 58 39.37 8.91 27.19
C ASP A 58 39.25 10.05 26.22
N LEU A 59 38.92 11.16 26.80
CA LEU A 59 38.74 12.41 26.11
C LEU A 59 40.12 13.09 26.00
N LEU A 60 40.58 13.37 24.79
CA LEU A 60 41.93 13.90 24.68
C LEU A 60 42.05 15.31 24.09
N ALA A 61 41.08 15.56 23.21
CA ALA A 61 40.91 15.07 21.83
C ALA A 61 40.47 16.12 20.80
N GLU A 62 39.69 15.71 19.83
CA GLU A 62 38.82 16.68 19.14
C GLU A 62 39.42 17.85 18.41
N ILE A 63 39.58 17.48 17.16
CA ILE A 63 39.67 18.29 16.00
C ILE A 63 38.29 18.91 15.97
N ASP A 64 38.12 20.13 15.38
CA ASP A 64 36.79 20.72 15.12
C ASP A 64 35.99 19.80 14.24
N PRO A 65 34.78 19.45 14.73
CA PRO A 65 33.97 18.36 14.25
C PRO A 65 32.97 18.81 13.16
N ALA A 66 33.06 20.09 12.83
CA ALA A 66 32.08 20.83 12.03
C ALA A 66 31.50 20.19 10.76
N THR A 67 32.32 19.92 9.74
CA THR A 67 31.81 19.36 8.48
C THR A 67 31.43 17.90 8.60
N TYR A 68 31.91 17.26 9.64
CA TYR A 68 31.49 15.88 9.88
C TYR A 68 30.05 15.80 10.44
N GLU A 69 29.68 16.76 11.29
CA GLU A 69 28.27 17.02 11.64
C GLU A 69 27.35 17.32 10.43
N ALA A 70 27.69 18.29 9.57
CA ALA A 70 27.16 18.36 8.15
C ALA A 70 26.86 17.02 7.46
N ASP A 71 27.89 16.33 7.01
CA ASP A 71 27.68 14.94 6.52
C ASP A 71 26.82 13.95 7.37
N TYR A 72 26.69 14.17 8.69
CA TYR A 72 25.68 13.42 9.48
C TYR A 72 24.22 13.78 9.18
N GLN A 73 23.94 15.10 9.13
CA GLN A 73 22.64 15.60 8.67
C GLN A 73 22.30 14.94 7.32
N SER A 74 23.03 15.35 6.28
CA SER A 74 22.89 14.76 4.91
C SER A 74 22.69 13.20 4.74
N ALA A 75 23.57 12.34 5.26
CA ALA A 75 23.15 10.93 5.32
C ALA A 75 21.99 10.44 6.29
N GLN A 76 21.63 11.19 7.36
CA GLN A 76 20.48 10.80 8.23
C GLN A 76 19.10 11.20 7.67
N ALA A 77 19.04 12.33 6.94
CA ALA A 77 17.81 12.62 6.17
C ALA A 77 17.61 11.54 5.09
N ASN A 78 18.45 11.58 4.03
CA ASN A 78 18.39 10.49 3.03
C ASN A 78 18.25 9.00 3.65
N LEU A 79 18.52 8.80 4.94
CA LEU A 79 18.08 7.54 5.59
C LEU A 79 16.63 7.57 6.09
N ALA A 80 16.19 8.70 6.64
CA ALA A 80 14.78 8.79 7.07
C ALA A 80 13.87 8.47 5.88
N SER A 81 14.13 9.11 4.73
CA SER A 81 13.47 8.70 3.47
C SER A 81 13.41 7.18 3.24
N THR A 82 14.51 6.56 2.80
CA THR A 82 14.47 5.11 2.52
C THR A 82 13.89 4.22 3.63
N GLN A 83 14.04 4.64 4.88
CA GLN A 83 13.48 3.90 6.01
C GLN A 83 11.95 3.91 5.91
N GLU A 84 11.36 5.11 5.82
CA GLU A 84 9.91 5.22 5.63
C GLU A 84 9.46 4.39 4.42
N GLN A 85 10.15 4.57 3.28
CA GLN A 85 9.88 3.85 2.02
C GLN A 85 9.77 2.37 2.16
N ALA A 86 10.90 1.70 2.35
CA ALA A 86 10.79 0.25 2.46
C ALA A 86 10.04 -0.27 3.74
N GLN A 87 9.76 0.62 4.69
CA GLN A 87 8.86 0.25 5.78
C GLN A 87 7.42 0.21 5.23
N ARG A 88 7.15 1.05 4.23
CA ARG A 88 5.84 1.06 3.54
C ARG A 88 5.68 -0.12 2.55
N TYR A 89 6.50 -0.27 1.51
CA TYR A 89 6.59 -1.59 0.86
C TYR A 89 6.94 -2.81 1.70
N LYS A 90 7.07 -2.71 3.03
CA LYS A 90 7.18 -3.91 3.84
C LYS A 90 5.78 -4.45 4.12
N LEU A 91 4.79 -3.57 3.87
CA LEU A 91 3.35 -3.89 4.01
C LEU A 91 2.58 -4.08 2.67
N LEU A 92 3.27 -3.93 1.54
CA LEU A 92 2.81 -4.45 0.25
C LEU A 92 3.56 -5.80 0.07
N VAL A 93 3.30 -6.56 -0.97
CA VAL A 93 3.67 -7.99 -0.96
C VAL A 93 3.00 -8.78 0.21
N ALA A 94 2.96 -8.21 1.43
CA ALA A 94 2.25 -8.82 2.57
C ALA A 94 0.71 -8.69 2.44
N ASP A 95 0.27 -8.05 1.37
CA ASP A 95 -1.10 -8.16 0.85
C ASP A 95 -0.88 -8.98 -0.40
N GLN A 96 -0.56 -8.24 -1.46
CA GLN A 96 0.25 -8.62 -2.65
C GLN A 96 0.25 -7.48 -3.66
N ALA A 97 0.02 -6.28 -3.11
CA ALA A 97 -0.04 -5.02 -3.84
C ALA A 97 1.06 -4.81 -4.90
N VAL A 98 2.16 -4.12 -4.55
CA VAL A 98 3.30 -4.03 -5.49
C VAL A 98 4.54 -4.89 -5.19
N SER A 99 5.37 -5.00 -6.24
CA SER A 99 5.85 -6.31 -6.78
C SER A 99 6.66 -7.32 -5.96
N LYS A 100 7.85 -7.64 -6.45
CA LYS A 100 8.87 -8.32 -5.65
C LYS A 100 10.21 -7.79 -6.14
N GLN A 101 10.13 -6.82 -7.05
CA GLN A 101 11.27 -6.23 -7.73
C GLN A 101 11.40 -4.78 -7.21
N GLN A 102 10.24 -4.19 -6.87
CA GLN A 102 10.16 -2.84 -6.24
C GLN A 102 10.55 -2.88 -4.76
N TYR A 103 10.47 -4.08 -4.19
CA TYR A 103 11.05 -4.37 -2.89
C TYR A 103 12.59 -4.43 -2.90
N ALA A 104 13.14 -5.15 -3.85
CA ALA A 104 14.60 -5.18 -4.01
C ALA A 104 15.15 -3.77 -4.06
N ASP A 105 14.59 -2.88 -4.90
CA ASP A 105 15.14 -1.51 -4.94
C ASP A 105 14.84 -0.59 -3.72
N ALA A 106 13.74 -0.87 -2.99
CA ALA A 106 13.53 -0.13 -1.71
C ALA A 106 14.48 -0.55 -0.57
N ASN A 107 14.78 -1.86 -0.54
CA ASN A 107 15.78 -2.41 0.36
C ASN A 107 17.17 -1.91 0.03
N ALA A 108 17.55 -2.02 -1.25
CA ALA A 108 18.80 -1.42 -1.74
C ALA A 108 18.98 0.03 -1.31
N ALA A 109 18.05 0.92 -1.65
CA ALA A 109 18.24 2.29 -1.19
C ALA A 109 18.30 2.40 0.35
N TYR A 110 17.61 1.49 1.06
CA TYR A 110 17.68 1.43 2.55
C TYR A 110 19.02 1.03 3.14
N LEU A 111 19.39 -0.23 2.91
CA LEU A 111 20.72 -0.72 3.24
C LEU A 111 21.82 0.25 2.83
N GLN A 112 21.87 0.66 1.55
CA GLN A 112 22.80 1.67 1.09
C GLN A 112 22.78 2.95 1.91
N SER A 113 21.59 3.43 2.30
CA SER A 113 21.55 4.70 3.06
C SER A 113 21.85 4.58 4.59
N LYS A 114 21.70 3.35 5.12
CA LYS A 114 22.18 2.94 6.46
C LYS A 114 23.70 2.79 6.53
N ALA A 115 24.28 1.97 5.64
CA ALA A 115 25.73 1.97 5.33
C ALA A 115 26.29 3.39 5.30
N ALA A 116 26.07 4.13 4.20
CA ALA A 116 26.42 5.57 4.23
C ALA A 116 26.09 6.41 5.53
N VAL A 117 25.12 5.95 6.34
CA VAL A 117 25.03 6.51 7.70
C VAL A 117 26.09 6.07 8.74
N GLU A 118 26.39 4.79 8.78
CA GLU A 118 27.38 4.31 9.72
C GLU A 118 28.74 4.83 9.31
N GLN A 119 28.96 5.01 8.00
CA GLN A 119 30.13 5.74 7.45
C GLN A 119 30.33 7.15 8.00
N ALA A 120 29.48 8.10 7.64
CA ALA A 120 29.83 9.41 8.26
C ALA A 120 29.65 9.49 9.80
N ARG A 121 28.95 8.52 10.39
CA ARG A 121 28.93 8.44 11.85
C ARG A 121 30.32 8.05 12.36
N ILE A 122 30.99 7.15 11.63
CA ILE A 122 32.39 6.77 11.86
C ILE A 122 33.28 8.02 11.76
N ASN A 123 33.38 8.64 10.58
CA ASN A 123 34.10 9.93 10.51
C ASN A 123 33.74 11.00 11.59
N LEU A 124 32.67 10.82 12.34
CA LEU A 124 32.52 11.67 13.52
C LEU A 124 33.22 11.05 14.74
N ARG A 125 33.19 9.72 14.80
CA ARG A 125 33.85 8.96 15.86
C ARG A 125 35.36 9.12 15.75
N TYR A 126 35.81 9.44 14.53
CA TYR A 126 37.18 9.88 14.30
C TYR A 126 37.42 11.17 15.04
N THR A 127 37.13 12.35 14.52
CA THR A 127 37.09 13.56 15.38
C THR A 127 37.07 13.41 16.91
N LYS A 128 36.59 12.31 17.47
CA LYS A 128 36.84 12.04 18.92
C LYS A 128 37.88 10.93 19.31
N ILE A 129 38.83 11.37 20.19
CA ILE A 129 40.21 10.89 20.15
C ILE A 129 40.56 9.67 20.92
N THR A 130 40.26 9.61 22.21
CA THR A 130 40.44 8.35 22.92
C THR A 130 41.88 7.89 23.18
N SER A 131 42.20 7.51 24.42
CA SER A 131 43.51 6.93 24.67
C SER A 131 43.73 5.41 24.54
N PRO A 132 44.54 5.00 23.60
CA PRO A 132 44.61 3.56 23.40
C PRO A 132 45.13 2.66 24.56
N ILE A 133 45.32 3.19 25.76
CA ILE A 133 45.51 2.35 26.95
C ILE A 133 45.42 3.15 28.22
N ASP A 134 45.05 2.46 29.30
CA ASP A 134 45.04 3.10 30.61
C ASP A 134 46.50 3.30 30.87
N GLY A 135 46.89 4.55 31.07
CA GLY A 135 48.30 4.85 31.29
C GLY A 135 48.65 6.26 31.72
N THR A 136 49.77 6.75 31.22
CA THR A 136 50.21 8.07 31.64
C THR A 136 50.81 8.79 30.48
N VAL A 137 50.57 10.08 30.57
CA VAL A 137 50.90 11.00 29.53
C VAL A 137 52.30 11.45 29.49
N ILE A 138 53.01 11.03 28.47
CA ILE A 138 54.38 11.44 28.34
C ILE A 138 54.31 12.83 27.76
N SER A 139 53.80 12.91 26.55
CA SER A 139 54.03 14.11 25.74
C SER A 139 52.76 14.79 25.31
N THR A 140 52.83 16.05 24.91
CA THR A 140 51.62 16.70 24.50
C THR A 140 52.09 17.67 23.51
N PRO A 141 52.49 17.20 22.37
CA PRO A 141 53.10 17.93 21.27
C PRO A 141 52.25 18.98 20.65
N VAL A 142 51.01 19.04 21.08
CA VAL A 142 50.00 19.53 20.17
C VAL A 142 48.88 20.34 20.87
N SER A 143 48.48 21.46 20.29
CA SER A 143 47.82 22.46 21.15
C SER A 143 46.42 23.11 20.77
N GLU A 144 45.63 23.47 21.78
CA GLU A 144 44.36 24.18 21.53
C GLU A 144 44.39 25.38 20.52
N GLY A 145 44.60 25.11 19.25
CA GLY A 145 44.52 26.19 18.29
C GLY A 145 45.18 25.62 17.10
N GLN A 146 45.50 24.35 17.23
CA GLN A 146 46.51 23.82 16.37
C GLN A 146 45.99 23.16 15.18
N THR A 147 46.33 23.81 14.12
CA THR A 147 45.68 23.60 12.89
C THR A 147 46.16 22.29 12.21
N VAL A 148 46.25 21.16 12.94
CA VAL A 148 46.83 19.88 12.45
C VAL A 148 46.37 19.43 11.12
N ASN A 149 46.99 18.44 10.45
CA ASN A 149 46.42 17.97 9.18
C ASN A 149 46.91 16.61 8.80
N SER A 150 46.11 15.64 8.38
CA SER A 150 46.74 14.34 8.21
C SER A 150 47.00 14.34 6.79
N ASN A 151 46.28 13.48 6.06
CA ASN A 151 46.63 12.94 4.76
C ASN A 151 47.68 12.00 5.10
N GLN A 152 48.90 12.26 4.59
CA GLN A 152 49.94 11.24 4.50
C GLN A 152 51.01 11.14 5.60
N THR A 153 50.97 12.11 6.49
CA THR A 153 51.80 12.13 7.68
C THR A 153 50.95 11.98 8.92
N THR A 154 50.71 10.79 9.42
CA THR A 154 49.84 10.74 10.61
C THR A 154 50.21 11.83 11.52
N PRO A 155 49.36 12.70 11.98
CA PRO A 155 50.01 13.25 13.15
C PRO A 155 49.99 12.38 14.35
N THR A 156 50.95 12.52 15.28
CA THR A 156 50.62 12.23 16.63
C THR A 156 50.44 13.47 17.43
N ILE A 157 49.92 13.32 18.60
CA ILE A 157 49.10 14.36 19.12
C ILE A 157 49.02 14.22 20.62
N ILE A 158 49.13 13.00 21.06
CA ILE A 158 49.39 12.81 22.43
C ILE A 158 50.21 11.63 22.29
N LYS A 159 51.15 11.46 23.24
CA LYS A 159 52.02 10.29 23.49
C LYS A 159 51.58 9.85 24.91
N VAL A 160 51.47 8.56 25.10
CA VAL A 160 51.11 8.11 26.40
C VAL A 160 51.62 6.71 26.60
N ALA A 161 51.98 6.37 27.84
CA ALA A 161 52.41 5.04 28.16
C ALA A 161 52.33 4.64 29.59
N ASP A 162 52.76 3.41 29.85
CA ASP A 162 52.50 2.72 31.11
C ASP A 162 53.64 2.74 32.08
N LEU A 163 53.53 3.43 33.21
CA LEU A 163 54.67 3.44 34.15
C LEU A 163 54.39 2.97 35.58
N SER A 164 53.89 1.76 35.64
CA SER A 164 54.10 0.80 36.67
C SER A 164 54.73 -0.05 35.65
N LYS A 165 55.28 -1.22 35.99
CA LYS A 165 55.95 -2.08 34.98
C LYS A 165 56.85 -1.29 33.96
N MSE A 166 58.19 -1.29 34.17
CA MSE A 166 59.16 -0.82 33.17
C MSE A 166 60.10 -1.91 32.81
O MSE A 166 60.22 -2.96 33.45
CB MSE A 166 59.90 0.39 33.59
CG MSE A 166 59.07 1.33 34.29
SE MSE A 166 58.81 2.56 32.96
CE MSE A 166 58.80 3.95 34.20
N ARG A 167 60.77 -1.62 31.74
CA ARG A 167 61.53 -2.60 31.09
C ARG A 167 62.74 -1.93 30.56
N ILE A 168 63.91 -2.48 30.90
CA ILE A 168 65.20 -1.87 30.57
C ILE A 168 65.89 -2.62 29.47
N LYS A 169 66.69 -1.87 28.75
CA LYS A 169 67.21 -2.28 27.47
C LYS A 169 68.72 -2.18 27.48
N PRO A 170 69.38 -3.30 27.86
CA PRO A 170 70.82 -3.37 28.10
C PRO A 170 71.64 -3.46 26.80
N GLU A 171 72.14 -2.33 26.32
CA GLU A 171 72.74 -2.33 25.01
C GLU A 171 73.79 -3.45 24.87
N ILE A 172 73.58 -4.67 25.37
CA ILE A 172 74.66 -5.70 25.35
C ILE A 172 75.29 -5.98 23.97
N SER A 173 76.36 -6.77 23.81
CA SER A 173 77.06 -6.81 22.50
C SER A 173 77.66 -8.07 21.84
N GLU A 174 78.22 -7.82 20.66
CA GLU A 174 78.46 -8.83 19.66
C GLU A 174 79.31 -9.94 20.22
N GLY A 175 79.92 -9.74 21.36
CA GLY A 175 80.90 -10.74 21.74
C GLY A 175 80.30 -11.77 22.65
N ASP A 176 79.61 -11.20 23.62
CA ASP A 176 79.21 -11.91 24.76
C ASP A 176 77.83 -12.49 24.46
N ILE A 177 77.43 -12.46 23.20
CA ILE A 177 76.03 -12.78 22.89
C ILE A 177 75.84 -14.27 22.70
N THR A 178 76.88 -15.01 22.39
CA THR A 178 76.74 -16.46 22.42
C THR A 178 76.34 -16.92 23.82
N LYS A 179 76.45 -16.01 24.78
CA LYS A 179 75.99 -16.26 26.13
C LYS A 179 75.05 -15.13 26.31
N VAL A 180 74.61 -14.90 27.52
CA VAL A 180 73.36 -14.18 27.81
C VAL A 180 72.26 -14.96 27.13
N LYS A 181 71.58 -15.75 27.92
CA LYS A 181 70.36 -16.37 27.50
C LYS A 181 69.28 -15.76 28.41
N ALA A 182 68.16 -16.45 28.52
CA ALA A 182 67.00 -15.92 29.20
C ALA A 182 67.05 -16.49 30.55
N GLY A 183 66.44 -15.80 31.50
CA GLY A 183 66.29 -16.34 32.84
C GLY A 183 67.55 -16.25 33.65
N GLN A 184 68.52 -15.52 33.14
CA GLN A 184 69.72 -15.37 33.91
C GLN A 184 69.43 -14.34 34.97
N ASP A 185 69.98 -14.54 36.15
CA ASP A 185 69.83 -13.54 37.19
C ASP A 185 70.67 -12.31 36.80
N VAL A 186 70.08 -11.14 36.94
CA VAL A 186 70.81 -9.92 36.71
C VAL A 186 70.65 -8.94 37.85
N THR A 187 71.65 -8.08 38.00
CA THR A 187 71.52 -6.92 38.83
C THR A 187 71.97 -5.70 38.06
N PHE A 188 71.53 -4.54 38.48
CA PHE A 188 71.83 -3.40 37.66
C PHE A 188 71.56 -2.30 38.60
N THR A 189 72.13 -1.12 38.33
CA THR A 189 71.61 0.10 38.96
C THR A 189 71.89 1.33 38.18
N ILE A 190 71.39 2.43 38.73
CA ILE A 190 71.34 3.67 38.00
C ILE A 190 72.60 4.48 38.06
N LEU A 191 72.42 5.65 38.70
CA LEU A 191 73.14 6.86 38.42
C LEU A 191 72.39 7.89 39.14
N SER A 192 71.50 7.49 40.04
CA SER A 192 70.62 8.53 40.61
C SER A 192 70.41 8.31 42.09
N ASP A 193 70.68 7.10 42.48
CA ASP A 193 70.49 6.66 43.84
C ASP A 193 71.39 5.45 43.99
N ASN A 194 72.70 5.71 44.00
CA ASN A 194 73.76 4.70 44.07
C ASN A 194 73.66 3.63 45.16
N LYS A 195 73.21 4.03 46.36
CA LYS A 195 72.91 3.06 47.42
C LYS A 195 71.58 2.38 47.17
N THR A 196 71.60 1.30 46.38
CA THR A 196 70.40 0.61 46.02
C THR A 196 70.76 -0.76 45.52
N VAL A 197 71.18 -0.82 44.25
CA VAL A 197 71.20 -2.07 43.47
C VAL A 197 69.78 -2.67 43.29
N TYR A 198 69.28 -2.76 42.05
CA TYR A 198 68.06 -3.54 41.81
C TYR A 198 68.42 -4.88 41.26
N HIS A 199 67.80 -5.93 41.74
CA HIS A 199 67.99 -7.21 41.11
C HIS A 199 66.81 -7.40 40.20
N ALA A 200 66.94 -8.30 39.25
CA ALA A 200 65.79 -8.79 38.55
C ALA A 200 66.28 -10.08 38.00
N LYS A 201 65.60 -10.57 36.98
CA LYS A 201 66.10 -11.64 36.12
C LYS A 201 66.15 -11.07 34.73
N ILE A 202 66.75 -11.78 33.81
CA ILE A 202 66.74 -11.40 32.41
C ILE A 202 65.59 -12.13 31.80
N ASP A 203 64.89 -11.49 30.88
CA ASP A 203 63.56 -11.97 30.56
C ASP A 203 63.40 -12.38 29.08
N SER A 204 64.19 -11.74 28.25
CA SER A 204 64.29 -12.09 26.85
C SER A 204 65.48 -11.43 26.25
N VAL A 205 66.01 -12.10 25.24
CA VAL A 205 67.12 -11.63 24.41
C VAL A 205 66.42 -10.72 23.43
N ASP A 206 67.09 -10.42 22.34
CA ASP A 206 66.36 -10.15 21.12
C ASP A 206 67.00 -11.07 20.22
N PRO A 207 66.71 -10.92 18.95
CA PRO A 207 67.53 -11.73 18.04
C PRO A 207 67.82 -10.78 16.95
N ALA A 208 67.82 -9.58 17.43
CA ALA A 208 67.83 -8.39 16.66
C ALA A 208 68.85 -7.29 17.11
N THR A 209 69.82 -7.05 16.24
CA THR A 209 70.72 -5.97 16.45
C THR A 209 69.94 -4.73 16.66
N THR A 210 69.79 -4.30 17.88
CA THR A 210 69.18 -3.01 18.13
C THR A 210 69.33 -1.79 17.18
N THR A 211 69.79 -1.95 15.94
CA THR A 211 69.52 -0.95 14.91
C THR A 211 68.26 -1.42 14.27
N ILE A 212 68.18 -2.76 14.25
CA ILE A 212 67.18 -3.53 13.49
C ILE A 212 65.91 -3.57 14.26
N SER A 213 65.93 -3.83 15.55
CA SER A 213 64.80 -3.32 16.32
C SER A 213 64.58 -1.79 16.05
N ASP A 214 63.78 -1.10 16.85
CA ASP A 214 62.99 0.07 16.39
C ASP A 214 63.34 0.91 15.09
N SER A 234 80.15 -1.25 12.68
CA SER A 234 81.02 -0.26 13.33
C SER A 234 81.15 -0.49 14.83
N ALA A 235 80.13 -1.12 15.40
CA ALA A 235 79.64 -0.76 16.75
C ALA A 235 78.38 -1.53 17.23
N VAL A 236 78.36 -2.87 17.04
CA VAL A 236 77.12 -3.75 17.13
C VAL A 236 76.54 -4.32 18.40
N TYR A 237 75.40 -3.80 18.80
CA TYR A 237 74.73 -4.29 19.98
C TYR A 237 73.49 -5.17 19.77
N TYR A 238 73.03 -5.90 20.78
CA TYR A 238 71.94 -6.84 20.65
C TYR A 238 71.14 -6.69 21.92
N TYR A 239 70.02 -5.94 22.00
CA TYR A 239 69.34 -5.68 23.32
C TYR A 239 68.99 -6.95 24.06
N ALA A 240 68.48 -6.85 25.25
CA ALA A 240 68.04 -8.10 25.84
C ALA A 240 67.28 -7.63 27.00
N ASN A 241 65.98 -7.49 26.80
CA ASN A 241 65.18 -6.68 27.67
C ASN A 241 65.03 -7.32 29.04
N ILE A 242 64.93 -6.47 30.04
CA ILE A 242 64.51 -6.94 31.32
C ILE A 242 63.44 -6.01 31.81
N ILE A 243 62.36 -6.61 32.29
CA ILE A 243 61.18 -5.89 32.73
C ILE A 243 61.23 -5.83 34.23
N VAL A 244 60.57 -4.87 34.86
CA VAL A 244 60.08 -5.10 36.20
C VAL A 244 59.40 -3.93 36.71
N GLU A 245 58.52 -4.21 37.65
CA GLU A 245 57.49 -3.31 38.11
C GLU A 245 58.15 -2.25 38.86
N ASN A 246 57.85 -1.03 38.44
CA ASN A 246 58.17 0.19 39.14
C ASN A 246 57.03 0.54 40.09
N PRO A 247 57.06 0.06 41.30
CA PRO A 247 56.01 0.78 42.03
C PRO A 247 56.42 2.16 42.45
N GLU A 248 55.46 2.93 42.96
CA GLU A 248 55.68 4.35 43.12
C GLU A 248 56.07 4.90 41.73
N HIS A 249 56.84 5.94 41.61
CA HIS A 249 56.96 6.41 40.26
C HIS A 249 58.42 6.64 40.10
N VAL A 250 59.11 6.25 41.18
CA VAL A 250 60.55 6.37 41.39
C VAL A 250 61.46 6.34 40.15
N LEU A 251 61.64 5.17 39.54
CA LEU A 251 62.29 5.15 38.26
C LEU A 251 61.68 6.16 37.33
N ARG A 252 62.29 6.27 36.18
CA ARG A 252 61.71 7.03 35.11
C ARG A 252 62.26 6.35 33.95
N ILE A 253 62.42 7.08 32.87
CA ILE A 253 62.22 6.42 31.60
C ILE A 253 63.37 6.62 30.67
N GLY A 254 63.90 7.84 30.67
CA GLY A 254 65.02 8.16 29.81
C GLY A 254 66.27 7.45 30.28
N MSE A 255 66.25 7.23 31.60
CA MSE A 255 67.35 6.72 32.36
C MSE A 255 68.18 5.67 31.82
O MSE A 255 67.72 4.81 31.06
CB MSE A 255 66.79 6.16 33.58
CG MSE A 255 66.13 7.21 34.28
SE MSE A 255 65.98 6.45 36.06
CE MSE A 255 65.38 8.01 37.06
N THR A 256 69.43 5.75 32.26
CA THR A 256 70.44 4.76 31.96
C THR A 256 70.90 4.03 33.22
N THR A 257 71.23 2.75 33.04
CA THR A 257 71.54 1.92 34.16
C THR A 257 72.75 1.15 33.81
N GLU A 258 73.39 0.70 34.86
CA GLU A 258 74.59 -0.08 34.75
C GLU A 258 74.24 -1.43 35.32
N ASN A 259 74.50 -2.43 34.50
CA ASN A 259 73.97 -3.74 34.73
C ASN A 259 74.91 -4.90 34.42
N ASN A 260 74.80 -5.90 35.27
CA ASN A 260 75.67 -7.06 35.27
C ASN A 260 74.89 -8.40 35.45
N ILE A 261 75.36 -9.41 34.75
CA ILE A 261 74.47 -10.50 34.42
C ILE A 261 75.07 -11.86 34.51
N LYS A 262 74.81 -12.55 35.59
CA LYS A 262 75.52 -13.77 35.83
C LYS A 262 75.50 -14.84 34.73
N ILE A 263 76.52 -14.97 33.87
CA ILE A 263 76.41 -15.97 32.82
C ILE A 263 76.99 -17.30 33.24
N ALA A 264 77.45 -17.35 34.46
CA ALA A 264 77.72 -18.64 35.06
C ALA A 264 77.64 -18.58 36.55
N ASP A 265 77.43 -19.74 37.13
CA ASP A 265 77.46 -19.85 38.54
C ASP A 265 77.75 -21.32 38.67
N VAL A 266 79.01 -21.65 38.98
CA VAL A 266 79.24 -22.89 39.72
C VAL A 266 79.47 -22.53 41.16
N GLN A 267 78.45 -22.84 41.95
CA GLN A 267 78.62 -23.08 43.35
C GLN A 267 79.52 -24.30 43.35
N ASN A 268 80.65 -24.20 44.05
CA ASN A 268 81.35 -25.36 44.58
C ASN A 268 82.27 -26.24 43.69
N VAL A 269 83.22 -25.64 42.97
CA VAL A 269 84.41 -26.35 42.47
C VAL A 269 85.68 -25.64 42.94
N LEU A 270 86.73 -25.63 42.10
CA LEU A 270 88.06 -25.23 42.58
C LEU A 270 88.71 -23.98 41.94
N PHE A 271 89.24 -23.13 42.82
CA PHE A 271 89.51 -21.75 42.50
C PHE A 271 91.03 -21.40 42.70
N ILE A 272 91.67 -21.04 41.60
CA ILE A 272 93.07 -20.66 41.50
C ILE A 272 93.11 -19.16 41.29
N PRO A 273 93.30 -18.36 42.35
CA PRO A 273 93.51 -16.94 42.04
C PRO A 273 94.56 -16.83 40.93
N ASN A 274 94.26 -15.97 39.98
CA ASN A 274 94.60 -16.21 38.59
C ASN A 274 95.85 -17.01 38.21
N LEU A 275 96.92 -16.24 38.00
CA LEU A 275 97.82 -16.49 36.89
C LEU A 275 98.39 -17.88 36.80
N ALA A 276 97.77 -18.67 35.91
CA ALA A 276 98.48 -19.81 35.32
C ALA A 276 98.98 -19.52 33.85
N VAL A 277 99.70 -18.37 33.71
CA VAL A 277 100.16 -17.74 32.44
C VAL A 277 101.70 -17.57 32.26
N GLN A 278 102.11 -17.15 31.05
CA GLN A 278 103.52 -16.88 30.70
C GLN A 278 103.65 -16.16 29.36
N GLU A 300 94.19 -28.52 32.65
CA GLU A 300 93.86 -27.15 32.28
C GLU A 300 92.78 -27.16 31.13
N ILE A 301 91.65 -26.38 31.07
CA ILE A 301 90.55 -26.11 32.07
C ILE A 301 90.10 -24.70 32.67
N GLY A 302 88.77 -24.43 32.54
CA GLY A 302 88.15 -23.09 32.69
C GLY A 302 86.67 -23.07 33.16
N VAL A 303 86.04 -21.89 33.33
CA VAL A 303 86.61 -20.60 32.90
C VAL A 303 86.82 -19.34 33.81
N GLN A 304 87.73 -18.53 33.29
CA GLN A 304 88.82 -17.82 33.99
C GLN A 304 88.50 -16.70 34.96
N ASN A 305 87.22 -16.44 35.19
CA ASN A 305 86.87 -15.05 35.36
C ASN A 305 86.80 -14.52 36.78
N ASP A 306 87.09 -13.22 36.96
CA ASP A 306 87.48 -12.36 35.82
C ASP A 306 88.90 -12.66 35.43
N PHE A 307 89.82 -12.55 36.42
CA PHE A 307 91.21 -12.99 36.31
C PHE A 307 91.40 -13.87 37.56
N GLN A 308 90.63 -14.95 37.72
CA GLN A 308 90.44 -15.58 39.03
C GLN A 308 89.81 -16.99 38.76
N THR A 309 90.44 -17.80 37.94
CA THR A 309 89.94 -19.11 37.53
C THR A 309 89.41 -20.17 38.53
N GLU A 310 89.62 -21.41 38.15
CA GLU A 310 88.52 -22.34 38.12
C GLU A 310 89.08 -23.69 37.72
N VAL A 311 89.19 -24.55 38.73
CA VAL A 311 89.65 -25.92 38.53
C VAL A 311 88.53 -26.94 38.44
N LYS A 312 88.53 -27.64 37.32
CA LYS A 312 87.77 -28.83 37.14
C LYS A 312 88.78 -29.96 37.28
N SER A 313 89.32 -30.40 36.14
CA SER A 313 90.16 -31.62 35.99
C SER A 313 91.63 -31.43 36.45
N GLY A 314 92.09 -32.17 37.47
CA GLY A 314 91.37 -33.25 38.15
C GLY A 314 90.53 -32.93 39.39
N LEU A 315 91.11 -32.37 40.44
CA LEU A 315 92.53 -32.44 40.81
C LEU A 315 92.15 -32.70 42.26
N THR A 316 92.88 -32.08 43.21
CA THR A 316 92.24 -31.52 44.39
C THR A 316 93.09 -30.38 44.98
N GLU A 317 92.86 -30.08 46.27
CA GLU A 317 93.26 -28.85 46.97
C GLU A 317 94.71 -28.74 47.51
N GLY A 318 94.83 -27.98 48.62
CA GLY A 318 95.98 -28.02 49.49
C GLY A 318 97.10 -27.08 49.10
N GLU A 319 97.01 -26.59 47.87
CA GLU A 319 98.23 -26.19 47.15
C GLU A 319 98.70 -24.74 47.08
N LYS A 320 99.11 -24.38 45.87
CA LYS A 320 100.07 -23.31 45.65
C LYS A 320 99.53 -21.98 45.19
N VAL A 321 100.45 -21.24 44.58
CA VAL A 321 100.18 -19.97 43.96
C VAL A 321 101.20 -19.82 42.83
N VAL A 322 101.83 -18.63 42.78
CA VAL A 322 102.60 -18.10 41.64
C VAL A 322 103.85 -17.28 42.09
N ILE A 323 103.93 -16.95 43.39
CA ILE A 323 104.67 -15.78 43.92
C ILE A 323 106.25 -15.84 43.95
N SER A 324 106.98 -15.14 43.05
CA SER A 324 106.51 -14.57 41.79
C SER A 324 107.32 -15.27 40.68
N THR B 9 83.75 25.51 64.69
CA THR B 9 84.21 24.14 64.96
C THR B 9 83.62 23.57 66.27
N GLU B 10 82.29 23.44 66.29
CA GLU B 10 81.57 22.99 67.48
C GLU B 10 80.25 22.27 67.15
N GLU B 11 79.17 23.01 67.32
CA GLU B 11 77.83 22.55 67.04
C GLU B 11 77.17 23.55 66.08
N VAL B 12 75.85 23.66 66.18
CA VAL B 12 75.07 24.77 65.62
C VAL B 12 73.80 25.05 66.45
N LYS B 13 73.90 24.88 67.78
CA LYS B 13 72.76 24.58 68.68
C LYS B 13 72.16 23.34 68.09
N ARG B 14 71.10 23.55 67.34
CA ARG B 14 70.75 22.67 66.24
C ARG B 14 70.67 23.65 65.03
N GLY B 15 71.00 23.21 63.82
CA GLY B 15 71.27 24.17 62.74
C GLY B 15 70.62 23.97 61.38
N ASN B 16 70.88 24.90 60.46
CA ASN B 16 70.04 25.02 59.26
C ASN B 16 70.75 25.03 57.88
N ILE B 17 70.58 23.91 57.14
CA ILE B 17 71.21 23.52 55.87
C ILE B 17 70.34 23.83 54.64
N GLU B 18 70.95 23.94 53.48
CA GLU B 18 70.21 23.98 52.22
C GLU B 18 70.98 23.09 51.26
N LYS B 19 70.37 21.99 50.83
CA LYS B 19 71.07 21.03 49.96
C LYS B 19 71.20 21.54 48.52
N ASN B 20 70.11 22.09 47.98
CA ASN B 20 70.01 22.54 46.58
C ASN B 20 70.34 21.52 45.52
N VAL B 21 69.78 21.70 44.35
CA VAL B 21 70.56 21.29 43.18
C VAL B 21 70.51 22.46 42.28
N VAL B 22 71.21 22.31 41.20
CA VAL B 22 71.23 23.35 40.28
C VAL B 22 71.30 22.74 38.92
N ALA B 23 70.38 23.26 38.09
CA ALA B 23 70.53 23.30 36.61
C ALA B 23 70.03 24.60 36.02
N THR B 24 70.14 24.61 34.72
CA THR B 24 70.13 25.79 33.94
C THR B 24 68.82 25.73 33.23
N GLY B 25 68.01 26.76 33.40
CA GLY B 25 66.69 26.75 32.80
C GLY B 25 66.56 27.49 31.50
N SER B 26 66.11 26.77 30.45
CA SER B 26 65.58 27.38 29.23
C SER B 26 64.17 27.87 29.59
N ILE B 27 63.91 29.15 29.43
CA ILE B 27 62.61 29.68 29.83
C ILE B 27 61.66 29.75 28.68
N GLU B 28 60.37 29.83 29.04
CA GLU B 28 59.26 29.63 28.12
C GLU B 28 57.95 30.36 28.43
N SER B 29 57.07 30.36 27.43
CA SER B 29 55.73 30.86 27.63
C SER B 29 54.76 29.76 27.87
N ILE B 30 53.73 30.11 28.62
CA ILE B 30 52.83 29.14 29.20
C ILE B 30 52.01 28.45 28.10
N ASN B 31 51.33 29.25 27.26
CA ASN B 31 51.08 28.82 25.87
C ASN B 31 51.13 29.78 24.74
N THR B 32 51.10 29.13 23.57
CA THR B 32 52.04 29.22 22.50
C THR B 32 51.44 28.40 21.39
N VAL B 33 51.09 29.02 20.27
CA VAL B 33 50.54 28.27 19.18
C VAL B 33 50.64 28.81 17.82
N ASP B 34 50.73 27.87 16.93
CA ASP B 34 51.08 28.12 15.55
C ASP B 34 49.79 27.90 14.82
N VAL B 35 49.60 28.67 13.76
CA VAL B 35 48.31 28.81 13.19
C VAL B 35 48.40 29.02 11.66
N GLY B 36 47.73 28.14 10.90
CA GLY B 36 47.62 28.25 9.45
C GLY B 36 46.62 27.22 8.96
N ALA B 37 45.72 27.54 8.05
CA ALA B 37 44.53 26.67 7.95
C ALA B 37 44.43 25.52 6.91
N GLN B 38 43.28 24.84 6.95
CA GLN B 38 43.10 23.57 6.22
C GLN B 38 43.02 23.87 4.78
N VAL B 39 42.99 25.17 4.45
CA VAL B 39 42.83 25.69 3.06
C VAL B 39 44.05 25.58 2.16
N SER B 40 44.06 26.18 0.99
CA SER B 40 45.32 26.31 0.30
C SER B 40 45.23 27.70 -0.12
N GLY B 41 45.70 27.96 -1.33
CA GLY B 41 45.52 29.25 -2.00
C GLY B 41 46.06 30.53 -1.33
N LYS B 42 46.50 31.48 -2.17
CA LYS B 42 47.35 32.56 -1.74
C LYS B 42 46.66 33.48 -0.84
N ILE B 43 47.34 34.47 -0.34
CA ILE B 43 46.66 35.18 0.70
C ILE B 43 46.42 36.56 0.19
N THR B 44 46.02 37.47 1.03
CA THR B 44 45.52 38.65 0.47
C THR B 44 45.63 39.72 1.49
N LYS B 45 45.19 39.43 2.67
CA LYS B 45 45.16 40.53 3.58
C LYS B 45 45.69 39.88 4.84
N LEU B 46 46.69 40.58 5.43
CA LEU B 46 47.39 40.22 6.68
C LEU B 46 47.29 41.35 7.71
N TYR B 47 46.88 41.00 8.91
CA TYR B 47 46.34 42.03 9.80
C TYR B 47 47.27 42.52 10.90
N VAL B 48 48.22 41.65 11.29
CA VAL B 48 49.20 41.87 12.38
C VAL B 48 50.69 42.09 11.92
N LYS B 49 51.49 42.68 12.83
CA LYS B 49 52.99 42.59 12.86
C LYS B 49 53.45 41.97 14.23
N LEU B 50 54.62 41.30 14.27
CA LEU B 50 55.03 40.62 15.53
C LEU B 50 54.98 41.53 16.66
N GLY B 51 54.53 40.91 17.70
CA GLY B 51 54.45 41.59 18.95
C GLY B 51 53.32 42.54 18.78
N GLN B 52 52.18 41.99 18.40
CA GLN B 52 50.95 42.69 18.61
C GLN B 52 50.33 41.92 19.77
N GLN B 53 49.70 42.67 20.64
CA GLN B 53 48.76 42.11 21.57
C GLN B 53 47.51 41.81 20.71
N VAL B 54 47.02 40.57 20.82
CA VAL B 54 45.76 40.21 20.16
C VAL B 54 44.85 39.57 21.19
N LYS B 55 43.57 39.97 21.20
CA LYS B 55 42.50 39.25 21.91
C LYS B 55 41.82 38.23 20.95
N LYS B 56 40.94 37.39 21.49
CA LYS B 56 40.40 36.19 20.81
C LYS B 56 40.04 36.25 19.33
N GLY B 57 39.84 35.06 18.81
CA GLY B 57 39.49 34.90 17.41
C GLY B 57 39.84 35.92 16.32
N ASP B 58 40.70 36.91 16.51
CA ASP B 58 40.72 37.93 15.48
C ASP B 58 41.05 37.71 13.99
N LEU B 59 41.24 38.87 13.39
CA LEU B 59 41.46 39.01 11.98
C LEU B 59 42.97 38.86 11.78
N LEU B 60 43.41 37.84 11.03
CA LEU B 60 44.83 37.57 10.83
C LEU B 60 45.41 37.95 9.47
N ALA B 61 45.03 37.31 8.34
CA ALA B 61 44.20 36.11 8.10
C ALA B 61 44.08 36.01 6.59
N GLU B 62 43.05 35.33 6.13
CA GLU B 62 42.61 35.49 4.71
C GLU B 62 43.61 35.31 3.58
N ILE B 63 43.53 34.05 3.20
CA ILE B 63 43.81 33.48 1.91
C ILE B 63 42.77 34.17 0.98
N ASP B 64 43.04 34.32 -0.34
CA ASP B 64 41.99 34.78 -1.29
C ASP B 64 40.86 33.83 -1.25
N PRO B 65 39.66 34.38 -0.98
CA PRO B 65 38.40 33.69 -0.67
C PRO B 65 37.57 33.30 -1.96
N ALA B 66 38.12 33.69 -3.11
CA ALA B 66 37.48 33.64 -4.42
C ALA B 66 36.64 32.44 -4.77
N THR B 67 37.22 31.25 -4.90
CA THR B 67 36.43 30.08 -5.32
C THR B 67 35.52 29.53 -4.22
N TYR B 68 35.78 29.98 -3.01
CA TYR B 68 34.88 29.59 -1.95
C TYR B 68 33.57 30.40 -1.96
N GLU B 69 33.65 31.67 -2.33
CA GLU B 69 32.47 32.45 -2.71
C GLU B 69 31.64 31.91 -3.92
N ALA B 70 32.23 31.64 -5.08
CA ALA B 70 31.65 30.65 -6.04
C ALA B 70 30.79 29.46 -5.46
N ASP B 71 31.46 28.44 -4.88
CA ASP B 71 30.71 27.37 -4.16
C ASP B 71 29.62 27.81 -3.14
N TYR B 72 29.70 29.02 -2.57
CA TYR B 72 28.54 29.58 -1.85
C TYR B 72 27.32 29.96 -2.71
N GLN B 73 27.56 30.66 -3.82
CA GLN B 73 26.50 30.88 -4.80
C GLN B 73 25.83 29.55 -5.18
N SER B 74 26.57 28.71 -5.93
CA SER B 74 26.10 27.32 -6.30
C SER B 74 25.33 26.44 -5.22
N ALA B 75 25.86 26.21 -4.00
CA ALA B 75 24.95 25.64 -2.98
C ALA B 75 23.79 26.51 -2.36
N GLN B 76 23.81 27.85 -2.44
CA GLN B 76 22.65 28.68 -1.96
C GLN B 76 21.47 28.82 -2.97
N ALA B 77 21.77 28.84 -4.28
CA ALA B 77 20.70 28.64 -5.28
C ALA B 77 20.06 27.26 -5.06
N ASN B 78 20.78 26.19 -5.46
CA ASN B 78 20.23 24.84 -5.25
C ASN B 78 19.60 24.66 -3.82
N LEU B 79 19.82 25.57 -2.86
CA LEU B 79 18.99 25.55 -1.64
C LEU B 79 17.73 26.36 -1.74
N ALA B 80 17.78 27.51 -2.42
CA ALA B 80 16.56 28.28 -2.63
C ALA B 80 15.49 27.39 -3.31
N SER B 81 15.89 26.71 -4.39
CA SER B 81 15.01 25.67 -4.98
C SER B 81 14.39 24.74 -3.95
N THR B 82 15.14 23.77 -3.42
CA THR B 82 14.51 22.82 -2.49
C THR B 82 13.73 23.42 -1.32
N GLN B 83 14.11 24.62 -0.90
CA GLN B 83 13.39 25.29 0.18
C GLN B 83 11.97 25.65 -0.28
N GLU B 84 11.88 26.36 -1.41
CA GLU B 84 10.57 26.66 -1.99
C GLU B 84 9.74 25.36 -2.18
N GLN B 85 10.35 24.34 -2.79
CA GLN B 85 9.71 23.02 -3.07
C GLN B 85 9.03 22.39 -1.89
N ALA B 86 9.84 21.86 -0.97
CA ALA B 86 9.22 21.28 0.21
C ALA B 86 8.46 22.28 1.15
N GLN B 87 8.58 23.59 0.90
CA GLN B 87 7.72 24.55 1.61
C GLN B 87 6.36 24.50 0.95
N ARG B 88 6.35 24.17 -0.35
CA ARG B 88 5.11 23.99 -1.11
C ARG B 88 4.40 22.67 -0.80
N TYR B 89 5.02 21.49 -1.05
CA TYR B 89 4.55 20.26 -0.40
C TYR B 89 4.48 20.26 1.14
N LYS B 90 4.75 21.35 1.85
CA LYS B 90 4.46 21.35 3.28
C LYS B 90 2.98 21.69 3.45
N LEU B 91 2.37 22.19 2.37
CA LEU B 91 0.94 22.52 2.32
C LEU B 91 0.06 21.55 1.50
N LEU B 92 0.67 20.50 0.95
CA LEU B 92 -0.02 19.27 0.45
C LEU B 92 0.15 18.26 1.58
N VAL B 93 -0.47 17.09 1.51
CA VAL B 93 -0.68 16.32 2.74
C VAL B 93 -1.49 17.06 3.86
N ALA B 94 -1.23 18.35 4.11
CA ALA B 94 -2.05 19.17 5.03
C ALA B 94 -3.42 19.61 4.42
N ASP B 95 -3.67 19.14 3.19
CA ASP B 95 -5.00 19.02 2.60
C ASP B 95 -5.25 17.50 2.56
N GLN B 96 -4.76 16.93 1.45
CA GLN B 96 -4.22 15.58 1.33
C GLN B 96 -3.85 15.35 -0.14
N ALA B 97 -3.54 16.47 -0.79
CA ALA B 97 -3.22 16.53 -2.25
C ALA B 97 -2.24 15.47 -2.77
N VAL B 98 -0.93 15.79 -2.79
CA VAL B 98 0.10 14.75 -3.06
C VAL B 98 0.94 14.22 -1.86
N SER B 99 1.53 13.05 -2.15
CA SER B 99 1.44 11.83 -1.30
C SER B 99 1.90 11.76 0.16
N LYS B 100 2.89 10.91 0.43
CA LYS B 100 3.61 10.92 1.71
C LYS B 100 5.00 10.42 1.37
N GLN B 101 5.19 10.18 0.08
CA GLN B 101 6.40 9.59 -0.45
C GLN B 101 7.10 10.67 -1.28
N GLN B 102 6.32 11.62 -1.80
CA GLN B 102 6.82 12.82 -2.52
C GLN B 102 7.23 13.89 -1.54
N TYR B 103 6.81 13.73 -0.30
CA TYR B 103 7.31 14.54 0.79
C TYR B 103 8.70 14.10 1.22
N ALA B 104 8.87 12.79 1.39
CA ALA B 104 10.18 12.23 1.73
C ALA B 104 11.29 12.75 0.80
N ASP B 105 11.08 12.70 -0.51
CA ASP B 105 12.10 13.19 -1.45
C ASP B 105 12.25 14.75 -1.54
N ALA B 106 11.22 15.50 -1.14
CA ALA B 106 11.34 16.98 -1.10
C ALA B 106 12.09 17.42 0.13
N ASN B 107 11.89 16.69 1.23
CA ASN B 107 12.68 16.86 2.46
C ASN B 107 14.14 16.45 2.25
N ALA B 108 14.36 15.25 1.73
CA ALA B 108 15.70 14.81 1.32
C ALA B 108 16.45 15.85 0.50
N ALA B 109 15.90 16.28 -0.64
CA ALA B 109 16.59 17.33 -1.39
C ALA B 109 16.80 18.60 -0.56
N TYR B 110 15.87 18.90 0.34
CA TYR B 110 16.06 20.06 1.24
C TYR B 110 17.17 19.98 2.26
N LEU B 111 17.03 19.08 3.22
CA LEU B 111 18.09 18.71 4.14
C LEU B 111 19.46 18.58 3.44
N GLN B 112 19.55 17.72 2.42
CA GLN B 112 20.78 17.57 1.63
C GLN B 112 21.31 18.88 1.09
N SER B 113 20.45 19.78 0.60
CA SER B 113 20.96 21.08 0.07
C SER B 113 21.26 22.19 1.11
N LYS B 114 20.67 22.06 2.31
CA LYS B 114 21.08 22.79 3.53
C LYS B 114 22.42 22.34 4.13
N ALA B 115 22.56 21.04 4.43
CA ALA B 115 23.86 20.40 4.65
C ALA B 115 24.93 20.95 3.68
N ALA B 116 24.95 20.52 2.41
CA ALA B 116 25.89 21.14 1.43
C ALA B 116 25.98 22.71 1.39
N VAL B 117 24.96 23.42 1.86
CA VAL B 117 25.19 24.84 2.21
C VAL B 117 26.06 25.15 3.46
N GLU B 118 25.84 24.44 4.57
CA GLU B 118 26.65 24.64 5.77
C GLU B 118 28.11 24.21 5.54
N GLN B 119 28.30 23.13 4.77
CA GLN B 119 29.61 22.75 4.19
C GLN B 119 30.31 23.89 3.44
N ALA B 120 29.85 24.32 2.27
CA ALA B 120 30.69 25.38 1.65
C ALA B 120 30.74 26.70 2.43
N ARG B 121 29.80 26.88 3.36
CA ARG B 121 29.84 28.06 4.23
C ARG B 121 30.99 27.90 5.18
N ILE B 122 31.20 26.67 5.64
CA ILE B 122 32.34 26.29 6.45
C ILE B 122 33.63 26.62 5.65
N ASN B 123 33.86 25.96 4.53
CA ASN B 123 35.06 26.30 3.73
C ASN B 123 35.21 27.81 3.38
N LEU B 124 34.22 28.64 3.68
CA LEU B 124 34.48 30.08 3.69
C LEU B 124 34.97 30.53 5.04
N ARG B 125 34.40 29.94 6.10
CA ARG B 125 34.84 30.25 7.47
C ARG B 125 36.30 29.84 7.68
N TYR B 126 36.78 28.88 6.88
CA TYR B 126 38.20 28.50 6.81
C TYR B 126 38.96 29.68 6.27
N THR B 127 39.10 29.92 4.97
CA THR B 127 39.55 31.25 4.49
C THR B 127 39.66 32.41 5.49
N LYS B 128 38.86 32.45 6.57
CA LYS B 128 39.08 33.44 7.63
C LYS B 128 39.67 32.93 8.97
N ILE B 129 40.72 33.64 9.39
CA ILE B 129 41.78 33.02 10.14
C ILE B 129 41.67 32.93 11.63
N THR B 130 41.49 34.03 12.37
CA THR B 130 41.27 33.88 13.80
C THR B 130 42.43 33.44 14.72
N SER B 131 42.63 34.13 15.83
CA SER B 131 43.68 33.69 16.73
C SER B 131 43.30 32.81 17.88
N PRO B 132 43.77 31.59 17.88
CA PRO B 132 43.28 30.63 18.89
C PRO B 132 43.44 30.98 20.40
N ILE B 133 43.93 32.17 20.73
CA ILE B 133 43.90 32.66 22.13
C ILE B 133 44.18 34.14 22.18
N ASP B 134 43.72 34.78 23.25
CA ASP B 134 44.07 36.16 23.52
C ASP B 134 45.53 36.09 23.92
N GLY B 135 46.39 36.82 23.23
CA GLY B 135 47.81 36.70 23.47
C GLY B 135 48.69 37.67 22.71
N THR B 136 49.90 37.22 22.35
CA THR B 136 50.82 38.13 21.69
C THR B 136 51.57 37.44 20.61
N VAL B 137 51.95 38.27 19.66
CA VAL B 137 52.43 37.74 18.43
C VAL B 137 53.90 37.54 18.41
N ILE B 138 54.28 36.29 18.35
CA ILE B 138 55.68 35.96 18.29
C ILE B 138 56.08 36.24 16.88
N SER B 139 55.63 35.35 16.01
CA SER B 139 56.16 35.25 14.67
C SER B 139 55.23 35.61 13.52
N THR B 140 55.78 35.87 12.34
CA THR B 140 54.92 36.23 11.27
C THR B 140 55.72 35.77 10.12
N PRO B 141 55.81 34.51 9.97
CA PRO B 141 56.52 33.82 8.91
C PRO B 141 56.08 34.10 7.51
N VAL B 142 54.98 34.82 7.36
CA VAL B 142 54.10 34.60 6.19
C VAL B 142 53.41 35.90 5.64
N SER B 143 53.41 36.08 4.33
CA SER B 143 53.27 37.45 3.85
C SER B 143 52.25 37.89 2.76
N GLU B 144 51.85 39.14 2.83
CA GLU B 144 50.92 39.64 1.84
C GLU B 144 51.38 39.45 0.39
N GLY B 145 51.36 38.21 -0.09
CA GLY B 145 51.57 37.97 -1.52
C GLY B 145 51.87 36.53 -1.62
N GLN B 146 51.72 35.92 -0.48
CA GLN B 146 52.35 34.67 -0.35
C GLN B 146 51.48 33.54 -0.63
N THR B 147 51.92 32.86 -1.62
CA THR B 147 51.11 31.93 -2.34
C THR B 147 50.99 30.58 -1.59
N VAL B 148 50.75 30.57 -0.25
CA VAL B 148 50.72 29.34 0.60
C VAL B 148 50.03 28.17 0.01
N ASN B 149 50.13 26.98 0.59
CA ASN B 149 49.33 25.88 0.08
C ASN B 149 49.24 24.80 1.16
N SER B 150 48.10 24.15 1.41
CA SER B 150 48.11 23.13 2.44
C SER B 150 48.28 21.86 1.72
N ASN B 151 47.22 21.07 1.72
CA ASN B 151 47.29 19.65 1.52
C ASN B 151 47.93 19.13 2.75
N GLN B 152 49.14 18.57 2.58
CA GLN B 152 49.69 17.67 3.57
C GLN B 152 50.71 18.23 4.54
N THR B 153 51.02 19.49 4.37
CA THR B 153 51.96 20.11 5.27
C THR B 153 51.20 21.26 5.78
N THR B 154 50.58 21.20 6.93
CA THR B 154 49.80 22.39 7.36
C THR B 154 50.60 23.61 7.28
N PRO B 155 50.24 24.67 6.60
CA PRO B 155 51.16 25.69 7.04
C PRO B 155 50.91 26.27 8.37
N THR B 156 51.91 26.82 9.02
CA THR B 156 51.59 27.88 9.95
C THR B 156 51.99 29.21 9.35
N ILE B 157 51.62 30.27 10.03
CA ILE B 157 51.25 31.44 9.31
C ILE B 157 51.24 32.61 10.24
N ILE B 158 50.93 32.30 11.46
CA ILE B 158 51.18 33.21 12.51
C ILE B 158 51.47 32.26 13.60
N LYS B 159 52.31 32.68 14.54
CA LYS B 159 52.66 31.99 15.77
C LYS B 159 52.16 33.02 16.78
N VAL B 160 51.58 32.61 17.88
CA VAL B 160 51.24 33.58 18.85
C VAL B 160 51.19 32.93 20.19
N ALA B 161 51.47 33.68 21.25
CA ALA B 161 51.40 33.12 22.58
C ALA B 161 51.31 34.12 23.71
N ASP B 162 51.24 33.59 24.93
CA ASP B 162 50.85 34.30 26.14
C ASP B 162 52.01 34.73 27.01
N LEU B 163 52.24 36.03 27.14
CA LEU B 163 53.40 36.44 27.93
C LEU B 163 53.03 37.47 28.99
N SER B 164 52.13 37.04 29.85
CA SER B 164 52.05 37.41 31.24
C SER B 164 52.16 35.96 31.52
N LYS B 165 52.32 35.51 32.74
CA LYS B 165 52.49 34.09 32.97
C LYS B 165 53.51 33.37 32.03
N MSE B 166 54.71 33.10 32.56
CA MSE B 166 55.69 32.32 31.85
C MSE B 166 56.12 31.20 32.73
O MSE B 166 55.90 31.16 33.93
CB MSE B 166 56.92 33.11 31.53
CG MSE B 166 56.60 34.40 30.92
SE MSE B 166 56.76 34.00 29.16
CE MSE B 166 57.38 35.75 28.59
N ARG B 167 56.73 30.28 32.05
CA ARG B 167 57.11 29.05 32.67
C ARG B 167 58.46 28.59 32.10
N ILE B 168 59.38 28.27 33.01
CA ILE B 168 60.78 27.99 32.77
C ILE B 168 61.05 26.52 32.97
N LYS B 169 61.95 26.09 32.16
CA LYS B 169 62.17 24.69 31.91
C LYS B 169 63.59 24.28 32.23
N PRO B 170 63.82 23.83 33.50
CA PRO B 170 65.17 23.61 34.04
C PRO B 170 65.68 22.29 33.59
N GLU B 171 66.51 22.31 32.54
CA GLU B 171 67.06 21.09 31.97
C GLU B 171 67.64 20.11 33.07
N ILE B 172 67.03 19.97 34.27
CA ILE B 172 67.62 19.14 35.33
C ILE B 172 67.88 17.68 34.92
N SER B 173 68.52 16.83 35.73
CA SER B 173 69.08 15.57 35.19
C SER B 173 69.13 14.23 35.94
N GLU B 174 69.73 13.25 35.24
CA GLU B 174 69.51 11.86 35.49
C GLU B 174 69.88 11.50 36.87
N GLY B 175 70.60 12.37 37.57
CA GLY B 175 71.16 11.91 38.83
C GLY B 175 70.26 12.32 39.93
N ASP B 176 69.90 13.57 39.87
CA ASP B 176 69.38 14.28 40.99
C ASP B 176 67.87 14.09 40.91
N ILE B 177 67.44 13.20 40.03
CA ILE B 177 66.03 13.19 39.72
C ILE B 177 65.23 12.37 40.75
N THR B 178 65.86 11.42 41.41
CA THR B 178 65.20 10.74 42.51
C THR B 178 64.74 11.77 43.52
N LYS B 179 65.32 12.96 43.48
CA LYS B 179 64.88 14.05 44.31
C LYS B 179 64.49 15.05 43.26
N VAL B 180 64.28 16.30 43.66
CA VAL B 180 63.38 17.22 42.97
C VAL B 180 62.00 16.58 42.86
N LYS B 181 61.08 17.08 43.69
CA LYS B 181 59.69 16.72 43.61
C LYS B 181 59.00 18.05 43.34
N ALA B 182 57.71 18.10 43.64
CA ALA B 182 56.91 19.27 43.34
C ALA B 182 56.79 20.05 44.59
N GLY B 183 56.56 21.33 44.43
CA GLY B 183 56.34 22.21 45.57
C GLY B 183 57.60 22.54 46.34
N GLN B 184 58.74 22.31 45.71
CA GLN B 184 59.99 22.62 46.35
C GLN B 184 60.22 24.09 46.11
N ASP B 185 60.73 24.79 47.10
CA ASP B 185 61.04 26.18 46.89
C ASP B 185 62.23 26.29 45.93
N VAL B 186 62.14 27.19 44.95
CA VAL B 186 63.25 27.42 44.01
C VAL B 186 63.59 28.89 43.88
N THR B 187 64.84 29.15 43.57
CA THR B 187 65.21 30.45 43.13
C THR B 187 66.03 30.25 41.90
N PHE B 188 66.08 31.27 41.09
CA PHE B 188 66.79 31.18 39.85
C PHE B 188 67.00 32.61 39.49
N THR B 189 67.93 32.87 38.58
CA THR B 189 67.92 34.13 37.86
C THR B 189 68.59 34.03 36.54
N ILE B 190 68.53 35.14 35.81
CA ILE B 190 69.03 35.18 34.42
C ILE B 190 70.53 35.30 34.10
N LEU B 191 70.83 36.44 33.49
CA LEU B 191 71.97 36.63 32.62
C LEU B 191 71.81 37.99 32.05
N SER B 192 70.87 38.75 32.60
CA SER B 192 70.53 39.98 31.92
C SER B 192 70.29 41.09 32.88
N ASP B 193 70.01 40.69 34.12
CA ASP B 193 69.79 41.60 35.20
C ASP B 193 70.18 40.88 36.47
N ASN B 194 71.50 40.72 36.69
CA ASN B 194 72.13 39.98 37.79
C ASN B 194 71.76 40.34 39.23
N LYS B 195 71.60 41.64 39.50
CA LYS B 195 71.03 42.09 40.76
C LYS B 195 69.50 41.93 40.73
N THR B 196 69.02 40.72 41.06
CA THR B 196 67.59 40.42 41.11
C THR B 196 67.31 39.21 41.96
N VAL B 197 67.59 38.02 41.43
CA VAL B 197 67.09 36.77 41.99
C VAL B 197 65.56 36.72 41.97
N TYR B 198 65.00 35.81 41.17
CA TYR B 198 63.58 35.53 41.28
C TYR B 198 63.38 34.26 42.09
N HIS B 199 62.46 34.32 43.05
CA HIS B 199 62.08 33.10 43.72
C HIS B 199 60.84 32.63 43.03
N ALA B 200 60.52 31.37 43.21
CA ALA B 200 59.21 30.84 42.90
C ALA B 200 59.17 29.55 43.67
N LYS B 201 58.26 28.67 43.27
CA LYS B 201 58.24 27.28 43.76
C LYS B 201 58.46 26.49 42.52
N ILE B 202 58.63 25.18 42.71
CA ILE B 202 58.64 24.23 41.62
C ILE B 202 57.25 23.67 41.59
N ASP B 203 56.75 23.47 40.36
CA ASP B 203 55.33 23.30 40.18
C ASP B 203 54.93 21.95 39.58
N SER B 204 55.87 21.36 38.87
CA SER B 204 55.70 20.03 38.37
C SER B 204 57.02 19.56 37.83
N VAL B 205 57.22 18.26 37.99
CA VAL B 205 58.28 17.50 37.36
C VAL B 205 57.94 17.35 35.87
N ASP B 206 58.58 16.40 35.21
CA ASP B 206 57.93 15.71 34.11
C ASP B 206 58.06 14.33 34.46
N PRO B 207 57.72 13.48 33.54
CA PRO B 207 58.10 12.11 33.84
C PRO B 207 58.70 11.60 32.57
N ALA B 208 59.23 12.60 31.92
CA ALA B 208 59.56 12.54 30.56
C ALA B 208 60.93 13.14 30.28
N THR B 209 61.86 12.30 29.84
CA THR B 209 63.11 12.80 29.34
C THR B 209 62.95 13.89 28.29
N THR B 210 63.30 15.11 28.58
CA THR B 210 63.08 16.15 27.59
C THR B 210 63.57 15.99 26.15
N THR B 211 63.85 14.79 25.70
CA THR B 211 63.85 14.50 24.25
C THR B 211 62.41 14.06 23.95
N ILE B 212 61.83 13.44 24.97
CA ILE B 212 60.62 12.68 24.81
C ILE B 212 59.47 13.60 24.99
N SER B 213 59.56 14.58 25.86
CA SER B 213 58.69 15.73 25.64
C SER B 213 59.05 16.23 24.24
N ASP B 214 58.38 17.22 23.67
CA ASP B 214 58.70 17.53 22.26
C ASP B 214 59.05 16.31 21.28
N ALA B 235 73.78 11.85 27.37
CA ALA B 235 73.42 13.25 27.78
C ALA B 235 72.00 13.64 28.42
N VAL B 236 71.47 12.86 29.39
CA VAL B 236 70.02 12.78 29.79
C VAL B 236 69.36 13.68 30.82
N TYR B 237 68.45 14.50 30.37
CA TYR B 237 67.79 15.44 31.24
C TYR B 237 66.28 15.18 31.42
N TYR B 238 65.65 15.76 32.42
CA TYR B 238 64.26 15.55 32.69
C TYR B 238 63.78 16.91 33.07
N TYR B 239 63.08 17.70 32.25
CA TYR B 239 62.54 19.03 32.69
C TYR B 239 61.81 19.03 34.03
N ALA B 240 61.45 20.18 34.50
CA ALA B 240 60.56 20.15 35.66
C ALA B 240 60.11 21.54 35.83
N ASN B 241 58.94 21.79 35.29
CA ASN B 241 58.66 23.12 34.85
C ASN B 241 58.41 23.94 36.10
N ILE B 242 58.72 25.23 36.00
CA ILE B 242 58.23 26.20 36.93
C ILE B 242 57.62 27.38 36.20
N ILE B 243 56.42 27.75 36.64
CA ILE B 243 55.65 28.84 36.05
C ILE B 243 55.86 30.06 36.89
N VAL B 244 55.74 31.24 36.32
CA VAL B 244 55.25 32.34 37.14
C VAL B 244 55.09 33.58 36.35
N GLU B 245 54.21 34.44 36.89
CA GLU B 245 53.64 35.58 36.16
C GLU B 245 54.74 36.54 35.88
N ASN B 246 54.89 36.84 34.60
CA ASN B 246 55.66 37.91 34.11
C ASN B 246 54.79 39.22 34.10
N PRO B 247 54.71 39.97 35.18
CA PRO B 247 54.06 41.20 34.73
C PRO B 247 55.00 42.12 33.98
N GLU B 248 54.49 43.20 33.42
CA GLU B 248 55.28 44.03 32.51
C GLU B 248 55.76 43.15 31.32
N HIS B 249 56.66 43.66 30.49
CA HIS B 249 57.30 42.92 29.38
C HIS B 249 58.26 41.96 30.09
N VAL B 250 58.95 42.57 31.03
CA VAL B 250 60.32 42.27 31.46
C VAL B 250 61.00 41.00 30.91
N LEU B 251 60.73 39.82 31.48
CA LEU B 251 61.29 38.62 30.91
C LEU B 251 61.01 38.55 29.49
N ARG B 252 61.59 37.53 28.95
CA ARG B 252 61.30 37.16 27.61
C ARG B 252 61.39 35.67 27.64
N ILE B 253 61.71 35.13 26.48
CA ILE B 253 61.20 33.82 26.21
C ILE B 253 62.29 32.91 25.80
N GLY B 254 63.24 33.37 24.96
CA GLY B 254 64.36 32.52 24.56
C GLY B 254 65.29 32.21 25.70
N MSE B 255 65.28 33.15 26.63
CA MSE B 255 66.16 33.18 27.75
C MSE B 255 66.48 31.92 28.45
O MSE B 255 65.70 30.99 28.52
CB MSE B 255 65.56 34.04 28.75
CG MSE B 255 65.37 35.33 28.14
SE MSE B 255 64.74 36.36 29.61
CE MSE B 255 65.14 38.20 28.97
N THR B 256 67.71 31.96 28.97
CA THR B 256 68.20 30.98 29.91
C THR B 256 68.36 31.50 31.31
N THR B 257 68.12 30.63 32.24
CA THR B 257 68.25 31.02 33.60
C THR B 257 69.09 30.02 34.35
N GLU B 258 69.63 30.49 35.46
CA GLU B 258 70.40 29.69 36.35
C GLU B 258 69.59 29.52 37.63
N ASN B 259 69.38 28.27 38.01
CA ASN B 259 68.39 27.97 39.02
C ASN B 259 68.78 26.87 39.99
N ASN B 260 68.40 27.10 41.23
CA ASN B 260 68.80 26.28 42.33
C ASN B 260 67.61 26.01 43.24
N ILE B 261 67.57 24.78 43.77
CA ILE B 261 66.32 24.12 44.19
C ILE B 261 66.43 23.30 45.44
N LYS B 262 65.90 23.84 46.54
CA LYS B 262 66.14 23.29 47.88
C LYS B 262 65.62 21.90 47.99
N ILE B 263 66.44 20.89 47.78
CA ILE B 263 65.97 19.51 47.98
C ILE B 263 66.02 18.98 49.45
N ALA B 264 66.47 19.84 50.34
CA ALA B 264 66.24 19.60 51.74
C ALA B 264 66.27 20.92 52.49
N ASP B 265 65.63 20.89 53.65
CA ASP B 265 65.75 21.96 54.60
C ASP B 265 65.48 21.27 55.90
N VAL B 266 66.54 20.99 56.66
CA VAL B 266 66.35 20.88 58.10
C VAL B 266 66.81 22.16 58.75
N GLN B 267 65.81 22.95 59.14
CA GLN B 267 65.99 23.93 60.16
C GLN B 267 66.40 23.07 61.34
N ASN B 268 67.55 23.35 61.94
CA ASN B 268 67.72 23.04 63.37
C ASN B 268 68.16 21.61 63.76
N VAL B 269 69.23 21.07 63.14
CA VAL B 269 70.01 19.94 63.71
C VAL B 269 71.53 20.28 63.75
N LEU B 270 72.41 19.29 63.61
CA LEU B 270 73.82 19.52 63.94
C LEU B 270 74.82 19.54 62.75
N PHE B 271 75.70 20.52 62.76
CA PHE B 271 76.49 20.89 61.60
C PHE B 271 78.04 20.83 61.81
N ILE B 272 78.67 19.92 61.08
CA ILE B 272 80.10 19.66 61.13
C ILE B 272 80.66 20.22 59.86
N PRO B 273 81.24 21.42 59.89
CA PRO B 273 81.94 21.84 58.65
C PRO B 273 82.88 20.73 58.19
N ASN B 274 82.91 20.50 56.89
CA ASN B 274 83.02 19.13 56.41
C ASN B 274 83.81 18.05 57.19
N LEU B 275 85.05 17.90 56.76
CA LEU B 275 85.74 16.62 56.64
C LEU B 275 85.89 15.68 57.84
N ALA B 276 85.29 14.50 57.77
CA ALA B 276 85.81 13.42 58.58
C ALA B 276 85.92 12.30 57.54
N VAL B 277 86.68 12.65 56.52
CA VAL B 277 86.42 12.14 55.18
C VAL B 277 86.81 10.70 54.73
N GLN B 278 85.87 9.74 54.81
CA GLN B 278 85.87 8.66 53.81
C GLN B 278 84.81 8.90 52.74
N GLN B 281 82.05 2.04 53.17
CA GLN B 281 82.45 1.76 54.54
C GLN B 281 82.94 3.06 55.19
N ASP B 282 82.17 4.14 55.01
CA ASP B 282 82.58 5.52 55.40
C ASP B 282 83.01 5.71 56.85
N LYS B 283 84.12 6.44 57.02
CA LYS B 283 84.76 6.68 58.32
C LYS B 283 85.39 8.08 58.55
N TYR B 284 85.20 8.51 59.79
CA TYR B 284 85.05 9.92 60.18
C TYR B 284 85.96 10.38 61.33
N VAL B 285 87.08 11.00 60.96
CA VAL B 285 88.16 11.32 61.91
C VAL B 285 87.72 12.36 62.98
N VAL B 286 88.51 12.48 64.07
CA VAL B 286 88.83 13.82 64.60
C VAL B 286 90.23 14.02 64.14
N GLU B 296 88.00 10.67 69.00
CA GLU B 296 87.12 11.07 67.91
C GLU B 296 85.70 10.55 68.07
N ARG B 297 85.64 9.27 68.39
CA ARG B 297 84.56 8.40 67.98
C ARG B 297 84.46 8.33 66.41
N GLU B 298 83.25 8.04 65.94
CA GLU B 298 82.87 8.15 64.54
C GLU B 298 81.49 8.84 64.64
N ILE B 299 80.75 8.88 63.54
CA ILE B 299 79.46 9.57 63.54
C ILE B 299 78.35 8.68 62.97
N GLU B 300 77.29 9.34 62.52
CA GLU B 300 76.61 9.01 61.27
C GLU B 300 76.23 10.35 60.60
N ILE B 301 75.73 10.26 59.38
CA ILE B 301 76.08 11.27 58.39
C ILE B 301 74.99 11.64 57.37
N GLY B 302 74.85 12.93 57.10
CA GLY B 302 74.15 13.32 55.89
C GLY B 302 72.91 14.18 56.03
N VAL B 303 72.84 15.27 55.26
CA VAL B 303 73.85 15.53 54.26
C VAL B 303 74.13 17.01 53.91
N GLN B 304 75.09 17.11 52.98
CA GLN B 304 76.17 18.06 53.10
C GLN B 304 75.93 19.41 52.50
N ASN B 305 76.80 19.64 51.53
CA ASN B 305 76.58 20.58 50.48
C ASN B 305 76.65 22.04 50.94
N ASP B 306 77.58 22.76 50.32
CA ASP B 306 78.36 22.22 49.18
C ASP B 306 79.52 21.25 49.56
N PHE B 307 80.04 21.39 50.77
CA PHE B 307 80.89 20.37 51.40
C PHE B 307 80.98 20.70 52.89
N GLN B 308 79.83 20.79 53.53
CA GLN B 308 79.64 21.37 54.86
C GLN B 308 78.72 20.35 55.49
N THR B 309 79.01 19.05 55.32
CA THR B 309 78.27 17.91 55.97
C THR B 309 77.47 18.12 57.30
N GLU B 310 76.65 17.14 57.64
CA GLU B 310 75.76 17.21 58.79
C GLU B 310 75.95 15.95 59.65
N VAL B 311 75.70 16.10 60.94
CA VAL B 311 75.86 15.00 61.88
C VAL B 311 74.65 14.08 61.88
N LYS B 312 74.88 12.80 62.14
CA LYS B 312 73.92 12.07 62.92
C LYS B 312 74.89 11.82 64.05
N SER B 313 74.41 11.37 65.20
CA SER B 313 75.26 10.94 66.32
C SER B 313 76.42 10.09 65.79
N GLY B 314 77.61 10.67 65.77
CA GLY B 314 77.88 11.89 66.47
C GLY B 314 78.77 11.50 67.64
N LEU B 315 78.81 12.22 68.78
CA LEU B 315 78.73 13.71 68.90
C LEU B 315 77.60 14.57 69.53
N THR B 316 77.99 15.28 70.61
CA THR B 316 77.15 16.23 71.32
C THR B 316 77.47 17.68 70.94
N GLU B 317 77.83 18.49 71.91
CA GLU B 317 78.18 19.86 71.59
C GLU B 317 79.69 19.93 71.29
N GLY B 318 80.26 21.11 71.54
CA GLY B 318 81.69 21.43 71.55
C GLY B 318 82.71 20.68 70.73
N GLU B 319 82.54 19.36 70.66
CA GLU B 319 83.61 18.39 70.43
C GLU B 319 84.89 18.68 69.60
N LYS B 320 85.75 17.65 69.57
CA LYS B 320 87.16 17.75 69.11
C LYS B 320 87.21 17.81 67.59
N VAL B 321 87.33 19.02 67.07
CA VAL B 321 86.86 19.32 65.74
C VAL B 321 87.85 19.08 64.67
N VAL B 322 88.44 17.89 64.69
CA VAL B 322 88.67 17.12 63.47
C VAL B 322 89.67 17.60 62.38
N ILE B 323 89.60 18.89 62.02
CA ILE B 323 90.41 19.56 60.96
C ILE B 323 91.82 18.92 60.79
N SER B 324 92.51 19.03 59.64
CA SER B 324 92.35 20.07 58.63
C SER B 324 92.36 19.40 57.26
N ASN C 16 -96.05 5.20 -9.86
CA ASN C 16 -94.85 4.41 -10.12
C ASN C 16 -94.57 4.21 -11.61
N ILE C 17 -93.84 5.17 -12.17
CA ILE C 17 -93.33 5.23 -13.55
C ILE C 17 -91.88 4.75 -13.64
N GLU C 18 -91.47 4.23 -14.80
CA GLU C 18 -90.07 3.96 -15.08
C GLU C 18 -89.81 4.56 -16.44
N LYS C 19 -88.96 5.56 -16.52
CA LYS C 19 -88.71 6.23 -17.80
C LYS C 19 -87.81 5.39 -18.69
N ASN C 20 -86.71 4.87 -18.14
CA ASN C 20 -85.71 4.10 -18.89
C ASN C 20 -85.08 4.82 -20.09
N VAL C 21 -83.86 4.42 -20.45
CA VAL C 21 -83.49 4.49 -21.85
C VAL C 21 -82.94 3.16 -22.17
N VAL C 22 -82.69 2.97 -23.45
CA VAL C 22 -82.09 1.73 -23.82
C VAL C 22 -81.06 2.02 -24.87
N ALA C 23 -79.88 1.40 -24.66
CA ALA C 23 -78.93 1.04 -25.72
C ALA C 23 -78.34 -0.31 -25.44
N THR C 24 -77.43 -0.63 -26.33
CA THR C 24 -76.97 -1.96 -26.50
C THR C 24 -75.55 -1.96 -26.05
N GLY C 25 -75.22 -2.88 -25.15
CA GLY C 25 -73.91 -2.85 -24.54
C GLY C 25 -72.97 -3.86 -25.16
N SER C 26 -71.84 -3.36 -25.66
CA SER C 26 -70.70 -4.22 -25.94
C SER C 26 -70.02 -4.47 -24.58
N ILE C 27 -69.87 -5.72 -24.20
CA ILE C 27 -69.35 -6.03 -22.89
C ILE C 27 -67.84 -6.22 -22.93
N GLU C 28 -67.22 -6.15 -21.75
CA GLU C 28 -65.78 -6.08 -21.62
C GLU C 28 -65.21 -6.65 -20.32
N SER C 29 -63.88 -6.81 -20.32
CA SER C 29 -63.14 -7.06 -19.09
C SER C 29 -62.54 -5.81 -18.47
N ILE C 30 -62.45 -5.84 -17.14
CA ILE C 30 -62.09 -4.67 -16.36
C ILE C 30 -60.66 -4.18 -16.63
N ASN C 31 -59.66 -5.10 -16.51
CA ASN C 31 -58.44 -5.00 -17.33
C ASN C 31 -57.74 -6.24 -17.90
N THR C 32 -56.80 -5.89 -18.78
CA THR C 32 -56.72 -6.28 -20.17
C THR C 32 -55.49 -5.69 -20.71
N VAL C 33 -54.53 -6.54 -21.07
CA VAL C 33 -53.23 -6.03 -21.49
C VAL C 33 -52.40 -6.91 -22.40
N ASP C 34 -51.71 -6.18 -23.26
CA ASP C 34 -50.93 -6.74 -24.31
C ASP C 34 -49.47 -6.56 -23.88
N VAL C 35 -48.64 -7.53 -24.24
CA VAL C 35 -47.36 -7.73 -23.60
C VAL C 35 -46.34 -8.35 -24.61
N GLY C 36 -45.28 -7.58 -24.88
CA GLY C 36 -44.14 -7.99 -25.69
C GLY C 36 -43.04 -6.95 -25.51
N ALA C 37 -41.79 -7.37 -25.36
CA ALA C 37 -40.78 -6.46 -24.78
C ALA C 37 -39.85 -5.56 -25.66
N GLN C 38 -39.01 -4.77 -24.97
CA GLN C 38 -38.19 -3.69 -25.59
C GLN C 38 -37.08 -4.27 -26.41
N VAL C 39 -36.97 -5.61 -26.31
CA VAL C 39 -35.91 -6.42 -26.92
C VAL C 39 -36.15 -6.59 -28.41
N SER C 40 -35.46 -7.50 -29.07
CA SER C 40 -35.84 -7.93 -30.42
C SER C 40 -35.63 -9.39 -30.27
N GLY C 41 -35.15 -9.99 -31.34
CA GLY C 41 -34.62 -11.33 -31.27
C GLY C 41 -35.62 -12.42 -30.97
N LYS C 42 -35.48 -13.51 -31.73
CA LYS C 42 -36.42 -14.61 -31.79
C LYS C 42 -36.68 -15.24 -30.46
N ILE C 43 -37.59 -16.16 -30.42
CA ILE C 43 -37.96 -16.59 -29.11
C ILE C 43 -37.54 -18.04 -28.94
N THR C 44 -37.97 -18.69 -27.88
CA THR C 44 -37.29 -19.90 -27.53
C THR C 44 -38.17 -20.76 -26.75
N LYS C 45 -38.75 -20.16 -25.74
CA LYS C 45 -39.56 -20.93 -24.85
C LYS C 45 -40.76 -20.10 -24.49
N LEU C 46 -41.93 -20.70 -24.77
CA LEU C 46 -43.25 -20.12 -24.59
C LEU C 46 -44.01 -21.00 -23.60
N TYR C 47 -44.60 -20.38 -22.57
CA TYR C 47 -45.01 -21.10 -21.35
C TYR C 47 -46.49 -21.44 -21.20
N VAL C 48 -47.35 -20.61 -21.83
CA VAL C 48 -48.82 -20.68 -21.74
C VAL C 48 -49.48 -21.13 -23.06
N LYS C 49 -50.77 -21.50 -22.95
CA LYS C 49 -51.76 -21.50 -24.06
C LYS C 49 -52.97 -20.64 -23.69
N LEU C 50 -53.74 -20.25 -24.71
CA LEU C 50 -54.88 -19.34 -24.48
C LEU C 50 -55.81 -19.85 -23.44
N GLY C 51 -56.07 -18.96 -22.52
CA GLY C 51 -56.99 -19.26 -21.46
C GLY C 51 -56.26 -20.13 -20.49
N GLN C 52 -55.19 -19.57 -19.96
CA GLN C 52 -54.61 -20.14 -18.79
C GLN C 52 -54.95 -19.10 -17.79
N GLN C 53 -55.23 -19.56 -16.59
CA GLN C 53 -55.17 -18.71 -15.44
C GLN C 53 -53.66 -18.49 -15.15
N VAL C 54 -53.25 -17.22 -15.03
CA VAL C 54 -51.88 -16.87 -14.58
C VAL C 54 -51.91 -15.86 -13.40
N LYS C 55 -51.12 -16.14 -12.36
CA LYS C 55 -50.82 -15.18 -11.28
C LYS C 55 -49.58 -14.37 -11.65
N LYS C 56 -49.21 -13.42 -10.82
CA LYS C 56 -48.27 -12.36 -11.19
C LYS C 56 -46.95 -12.70 -11.90
N GLY C 57 -46.34 -11.65 -12.40
CA GLY C 57 -45.15 -11.72 -13.21
C GLY C 57 -44.69 -13.01 -13.88
N ASP C 58 -45.51 -13.97 -14.18
CA ASP C 58 -44.88 -15.22 -14.58
C ASP C 58 -44.02 -15.40 -15.84
N LEU C 59 -43.85 -16.67 -16.09
CA LEU C 59 -42.98 -17.14 -17.12
C LEU C 59 -43.83 -17.18 -18.38
N LEU C 60 -43.42 -16.43 -19.39
CA LEU C 60 -44.23 -16.33 -20.60
C LEU C 60 -43.77 -17.03 -21.87
N ALA C 61 -42.62 -16.69 -22.48
CA ALA C 61 -41.68 -15.55 -22.26
C ALA C 61 -40.51 -15.80 -23.18
N GLU C 62 -39.40 -15.13 -22.94
CA GLU C 62 -38.11 -15.57 -23.48
C GLU C 62 -37.95 -15.75 -24.98
N ILE C 63 -37.58 -14.60 -25.52
CA ILE C 63 -36.69 -14.38 -26.64
C ILE C 63 -35.40 -15.15 -26.32
N ASP C 64 -34.64 -15.63 -27.33
CA ASP C 64 -33.26 -16.18 -27.11
C ASP C 64 -32.35 -15.14 -26.48
N PRO C 65 -31.81 -15.52 -25.32
CA PRO C 65 -31.14 -14.63 -24.39
C PRO C 65 -29.63 -14.46 -24.69
N ALA C 66 -29.20 -15.11 -25.77
CA ALA C 66 -27.77 -15.37 -26.13
C ALA C 66 -26.74 -14.22 -26.04
N THR C 67 -26.89 -13.17 -26.86
CA THR C 67 -25.97 -12.01 -26.79
C THR C 67 -26.11 -11.17 -25.53
N TYR C 68 -27.22 -11.31 -24.83
CA TYR C 68 -27.36 -10.62 -23.58
C TYR C 68 -26.54 -11.30 -22.47
N GLU C 69 -26.49 -12.63 -22.51
CA GLU C 69 -25.51 -13.35 -21.73
C GLU C 69 -24.02 -12.96 -22.01
N ALA C 70 -23.59 -12.93 -23.29
CA ALA C 70 -22.32 -12.24 -23.71
C ALA C 70 -22.02 -10.90 -22.99
N ASP C 71 -22.79 -9.84 -23.31
CA ASP C 71 -22.66 -8.58 -22.53
C ASP C 71 -22.71 -8.67 -20.97
N TYR C 72 -23.24 -9.75 -20.40
CA TYR C 72 -23.07 -10.00 -18.95
C TYR C 72 -21.68 -10.43 -18.53
N GLN C 73 -21.13 -11.43 -19.21
CA GLN C 73 -19.72 -11.74 -19.04
C GLN C 73 -18.89 -10.42 -19.12
N SER C 74 -18.82 -9.84 -20.33
CA SER C 74 -18.07 -8.59 -20.60
C SER C 74 -18.21 -7.39 -19.56
N ALA C 75 -19.40 -6.97 -19.12
CA ALA C 75 -19.42 -6.07 -17.96
C ALA C 75 -19.18 -6.66 -16.52
N GLN C 76 -19.29 -7.99 -16.29
CA GLN C 76 -18.91 -8.58 -14.98
C GLN C 76 -17.39 -8.81 -14.74
N ALA C 77 -16.65 -9.14 -15.80
CA ALA C 77 -15.17 -9.15 -15.72
C ALA C 77 -14.66 -7.73 -15.38
N ASN C 78 -14.70 -6.83 -16.37
CA ASN C 78 -14.42 -5.41 -16.15
C ASN C 78 -14.98 -4.83 -14.81
N LEU C 79 -15.99 -5.48 -14.20
CA LEU C 79 -16.33 -5.14 -12.79
C LEU C 79 -15.47 -5.84 -11.73
N ALA C 80 -15.13 -7.11 -11.95
CA ALA C 80 -14.19 -7.78 -11.05
C ALA C 80 -12.86 -7.00 -10.93
N SER C 81 -12.27 -6.62 -12.08
CA SER C 81 -11.16 -5.62 -12.10
C SER C 81 -11.39 -4.41 -11.21
N THR C 82 -12.25 -3.45 -11.64
CA THR C 82 -12.33 -2.24 -10.80
C THR C 82 -12.69 -2.47 -9.30
N GLN C 83 -13.42 -3.55 -9.02
CA GLN C 83 -13.78 -3.90 -7.65
C GLN C 83 -12.51 -4.23 -6.85
N GLU C 84 -11.71 -5.17 -7.36
CA GLU C 84 -10.41 -5.48 -6.71
C GLU C 84 -9.57 -4.20 -6.55
N GLN C 85 -9.42 -3.43 -7.63
CA GLN C 85 -8.66 -2.17 -7.63
C GLN C 85 -8.98 -1.19 -6.52
N ALA C 86 -10.15 -0.56 -6.59
CA ALA C 86 -10.49 0.37 -5.49
C ALA C 86 -10.78 -0.31 -4.12
N GLN C 87 -10.84 -1.65 -4.06
CA GLN C 87 -10.82 -2.36 -2.77
C GLN C 87 -9.40 -2.34 -2.22
N ARG C 88 -8.41 -2.29 -3.12
CA ARG C 88 -6.99 -2.15 -2.76
C ARG C 88 -6.57 -0.73 -2.34
N TYR C 89 -6.65 0.28 -3.24
CA TYR C 89 -6.68 1.66 -2.74
C TYR C 89 -7.74 2.06 -1.67
N LYS C 90 -8.54 1.14 -1.13
CA LYS C 90 -9.42 1.51 -0.01
C LYS C 90 -8.58 1.35 1.26
N LEU C 91 -7.47 0.63 1.09
CA LEU C 91 -6.50 0.42 2.15
C LEU C 91 -5.20 1.26 2.02
N LEU C 92 -5.08 2.08 0.96
CA LEU C 92 -4.13 3.23 0.88
C LEU C 92 -4.95 4.43 1.29
N VAL C 93 -4.37 5.63 1.41
CA VAL C 93 -5.02 6.69 2.19
C VAL C 93 -5.35 6.31 3.68
N ALA C 94 -5.85 5.08 3.93
CA ALA C 94 -6.07 4.58 5.30
C ALA C 94 -4.74 4.15 5.96
N ASP C 95 -3.63 4.35 5.24
CA ASP C 95 -2.26 4.47 5.79
C ASP C 95 -1.90 5.92 5.59
N GLN C 96 -1.36 6.16 4.40
CA GLN C 96 -1.46 7.42 3.63
C GLN C 96 -0.60 7.26 2.39
N ALA C 97 -0.43 6.00 2.00
CA ALA C 97 0.34 5.57 0.80
C ALA C 97 0.11 6.38 -0.49
N VAL C 98 -0.82 5.95 -1.37
CA VAL C 98 -1.22 6.79 -2.52
C VAL C 98 -2.60 7.51 -2.50
N SER C 99 -2.66 8.50 -3.38
CA SER C 99 -3.06 9.89 -3.04
C SER C 99 -4.42 10.27 -2.41
N LYS C 100 -5.21 11.09 -3.12
CA LYS C 100 -6.64 11.31 -2.83
C LYS C 100 -7.30 11.60 -4.16
N GLN C 101 -6.50 11.46 -5.21
CA GLN C 101 -6.88 11.79 -6.56
C GLN C 101 -6.84 10.49 -7.37
N GLN C 102 -6.00 9.54 -6.92
CA GLN C 102 -5.96 8.17 -7.47
C GLN C 102 -7.06 7.30 -6.88
N TYR C 103 -7.67 7.80 -5.81
CA TYR C 103 -8.91 7.23 -5.28
C TYR C 103 -10.15 7.61 -6.09
N ALA C 104 -10.27 8.91 -6.39
CA ALA C 104 -11.35 9.42 -7.28
C ALA C 104 -11.49 8.59 -8.55
N ASP C 105 -10.39 8.36 -9.28
CA ASP C 105 -10.42 7.53 -10.49
C ASP C 105 -10.60 5.99 -10.30
N ALA C 106 -10.23 5.42 -9.16
CA ALA C 106 -10.53 4.00 -8.89
C ALA C 106 -12.01 3.82 -8.54
N ASN C 107 -12.56 4.78 -7.80
CA ASN C 107 -14.01 4.84 -7.56
C ASN C 107 -14.81 5.02 -8.86
N ALA C 108 -14.48 6.06 -9.62
CA ALA C 108 -15.08 6.29 -10.93
C ALA C 108 -15.10 5.02 -11.78
N ALA C 109 -13.95 4.37 -11.99
CA ALA C 109 -14.00 3.13 -12.78
C ALA C 109 -14.88 2.07 -12.12
N TYR C 110 -14.96 2.10 -10.78
CA TYR C 110 -15.81 1.16 -10.04
C TYR C 110 -17.30 1.37 -10.22
N LEU C 111 -17.80 2.49 -9.73
CA LEU C 111 -19.17 2.93 -9.95
C LEU C 111 -19.58 2.77 -11.43
N GLN C 112 -18.80 3.32 -12.35
CA GLN C 112 -19.06 3.17 -13.78
C GLN C 112 -19.20 1.72 -14.22
N SER C 113 -18.32 0.83 -13.74
CA SER C 113 -18.42 -0.58 -14.17
C SER C 113 -19.50 -1.44 -13.44
N LYS C 114 -19.96 -0.95 -12.28
CA LYS C 114 -21.17 -1.44 -11.58
C LYS C 114 -22.51 -1.04 -12.25
N ALA C 115 -22.66 0.28 -12.51
CA ALA C 115 -23.66 0.85 -13.43
C ALA C 115 -23.75 0.00 -14.73
N ALA C 116 -22.78 0.10 -15.64
CA ALA C 116 -22.80 -0.82 -16.82
C ALA C 116 -23.02 -2.34 -16.55
N VAL C 117 -22.80 -2.78 -15.29
CA VAL C 117 -23.28 -4.13 -14.91
C VAL C 117 -24.78 -4.25 -14.67
N GLU C 118 -25.36 -3.29 -13.94
CA GLU C 118 -26.81 -3.29 -13.72
C GLU C 118 -27.59 -3.06 -15.04
N GLN C 119 -27.06 -2.22 -15.92
CA GLN C 119 -27.53 -2.08 -17.32
C GLN C 119 -27.60 -3.39 -18.12
N ALA C 120 -26.47 -4.00 -18.50
CA ALA C 120 -26.73 -5.26 -19.23
C ALA C 120 -27.44 -6.40 -18.42
N ARG C 121 -27.43 -6.32 -17.08
CA ARG C 121 -28.26 -7.26 -16.29
C ARG C 121 -29.75 -6.99 -16.47
N ILE C 122 -30.09 -5.71 -16.59
CA ILE C 122 -31.43 -5.24 -17.04
C ILE C 122 -31.81 -5.85 -18.41
N ASN C 123 -31.10 -5.49 -19.49
CA ASN C 123 -31.27 -6.17 -20.79
C ASN C 123 -31.22 -7.72 -20.76
N LEU C 124 -30.90 -8.31 -19.63
CA LEU C 124 -31.24 -9.70 -19.49
C LEU C 124 -32.61 -9.91 -18.85
N ARG C 125 -32.91 -9.07 -17.88
CA ARG C 125 -34.22 -9.07 -17.23
C ARG C 125 -35.34 -8.79 -18.26
N TYR C 126 -34.99 -8.06 -19.34
CA TYR C 126 -35.82 -7.89 -20.56
C TYR C 126 -36.06 -9.23 -21.16
N THR C 127 -35.28 -9.78 -22.09
CA THR C 127 -35.40 -11.25 -22.38
C THR C 127 -36.35 -12.15 -21.48
N LYS C 128 -36.53 -11.86 -20.20
CA LYS C 128 -37.57 -12.59 -19.48
C LYS C 128 -38.82 -11.77 -19.13
N ILE C 129 -39.98 -12.39 -19.47
CA ILE C 129 -41.22 -11.71 -19.92
C ILE C 129 -42.27 -11.25 -18.92
N THR C 130 -42.80 -12.16 -18.08
CA THR C 130 -43.61 -11.68 -16.96
C THR C 130 -44.98 -11.16 -17.34
N SER C 131 -46.01 -11.62 -16.64
CA SER C 131 -47.36 -11.12 -16.86
C SER C 131 -47.80 -9.94 -16.01
N PRO C 132 -47.98 -8.77 -16.63
CA PRO C 132 -48.31 -7.55 -15.87
C PRO C 132 -49.56 -7.58 -14.92
N ILE C 133 -50.20 -8.75 -14.77
CA ILE C 133 -51.20 -8.95 -13.72
C ILE C 133 -51.57 -10.42 -13.52
N ASP C 134 -52.06 -10.74 -12.32
CA ASP C 134 -52.70 -12.03 -12.09
C ASP C 134 -53.97 -11.99 -12.91
N GLY C 135 -54.09 -12.89 -13.88
CA GLY C 135 -55.22 -12.83 -14.79
C GLY C 135 -55.43 -14.02 -15.70
N THR C 136 -55.99 -13.77 -16.89
CA THR C 136 -56.28 -14.88 -17.76
C THR C 136 -55.94 -14.58 -19.16
N VAL C 137 -55.56 -15.65 -19.83
CA VAL C 137 -54.93 -15.51 -21.11
C VAL C 137 -55.89 -15.45 -22.22
N ILE C 138 -55.97 -14.27 -22.82
CA ILE C 138 -56.82 -14.10 -23.95
C ILE C 138 -56.12 -14.76 -25.13
N SER C 139 -55.09 -14.08 -25.59
CA SER C 139 -54.56 -14.30 -26.88
C SER C 139 -53.11 -14.79 -26.81
N THR C 140 -52.64 -15.45 -27.87
CA THR C 140 -51.30 -15.95 -27.92
C THR C 140 -50.90 -15.84 -29.37
N PRO C 141 -50.72 -14.64 -29.82
CA PRO C 141 -50.46 -14.30 -31.23
C PRO C 141 -49.19 -14.91 -31.79
N VAL C 142 -48.39 -15.49 -30.90
CA VAL C 142 -46.92 -15.47 -31.02
C VAL C 142 -46.25 -16.78 -30.55
N SER C 143 -45.35 -17.31 -31.38
CA SER C 143 -44.99 -18.75 -31.29
C SER C 143 -43.52 -19.26 -31.18
N GLU C 144 -43.34 -20.38 -30.48
CA GLU C 144 -42.03 -21.03 -30.33
C GLU C 144 -41.31 -21.27 -31.67
N GLY C 145 -40.83 -20.19 -32.29
CA GLY C 145 -39.96 -20.30 -33.45
C GLY C 145 -40.00 -18.94 -34.07
N GLN C 146 -40.66 -18.07 -33.32
CA GLN C 146 -41.05 -16.80 -33.88
C GLN C 146 -40.13 -15.63 -33.73
N THR C 147 -39.65 -15.31 -34.92
CA THR C 147 -38.49 -14.52 -35.11
C THR C 147 -38.79 -13.04 -34.87
N VAL C 148 -39.52 -12.74 -33.76
CA VAL C 148 -39.97 -11.36 -33.41
C VAL C 148 -38.96 -10.26 -33.65
N ASN C 149 -39.33 -8.99 -33.49
CA ASN C 149 -38.31 -7.94 -33.55
C ASN C 149 -38.91 -6.68 -33.02
N SER C 150 -38.25 -5.88 -32.18
CA SER C 150 -38.88 -4.63 -31.79
C SER C 150 -38.37 -3.55 -32.66
N ASN C 151 -37.52 -2.73 -32.08
CA ASN C 151 -37.29 -1.39 -32.56
C ASN C 151 -38.58 -0.69 -32.30
N GLN C 152 -39.28 -0.34 -33.38
CA GLN C 152 -40.20 0.79 -33.40
C GLN C 152 -41.74 0.41 -33.41
N THR C 153 -41.98 -0.89 -33.51
CA THR C 153 -43.30 -1.45 -33.43
C THR C 153 -43.29 -2.39 -32.27
N THR C 154 -43.69 -1.97 -31.08
CA THR C 154 -43.61 -2.91 -29.95
C THR C 154 -44.21 -4.20 -30.39
N PRO C 155 -43.57 -5.34 -30.29
CA PRO C 155 -44.66 -6.31 -30.40
C PRO C 155 -45.41 -6.52 -29.14
N THR C 156 -46.64 -6.98 -29.29
CA THR C 156 -47.21 -7.77 -28.22
C THR C 156 -47.15 -9.24 -28.64
N ILE C 157 -47.48 -10.10 -27.69
CA ILE C 157 -46.88 -11.39 -27.69
C ILE C 157 -47.67 -12.28 -26.84
N ILE C 158 -48.19 -11.70 -25.78
CA ILE C 158 -49.26 -12.29 -25.07
C ILE C 158 -50.21 -11.14 -24.87
N LYS C 159 -51.50 -11.48 -24.76
CA LYS C 159 -52.60 -10.60 -24.34
C LYS C 159 -53.13 -11.34 -23.11
N VAL C 160 -53.48 -10.62 -22.08
CA VAL C 160 -54.05 -11.28 -20.94
C VAL C 160 -54.90 -10.32 -20.17
N ALA C 161 -55.90 -10.84 -19.45
CA ALA C 161 -56.74 -9.95 -18.69
C ALA C 161 -57.58 -10.66 -17.66
N ASP C 162 -58.35 -9.83 -16.94
CA ASP C 162 -59.07 -10.23 -15.72
C ASP C 162 -60.54 -10.56 -15.91
N LEU C 163 -60.93 -11.82 -15.72
CA LEU C 163 -62.32 -12.19 -15.94
C LEU C 163 -62.97 -12.89 -14.75
N SER C 164 -62.90 -12.20 -13.64
CA SER C 164 -63.91 -12.20 -12.63
C SER C 164 -64.01 -10.71 -12.86
N LYS C 165 -64.96 -10.00 -12.27
CA LYS C 165 -65.09 -8.55 -12.54
C LYS C 165 -65.03 -8.22 -14.03
N MSE C 166 -66.21 -8.03 -14.61
CA MSE C 166 -66.34 -7.51 -15.97
C MSE C 166 -67.12 -6.23 -15.97
O MSE C 166 -67.85 -5.88 -15.04
CB MSE C 166 -67.01 -8.50 -16.85
CG MSE C 166 -66.49 -9.85 -16.69
SE MSE C 166 -65.28 -9.83 -18.15
CE MSE C 166 -65.37 -11.76 -18.55
N ARG C 167 -66.94 -5.54 -17.07
CA ARG C 167 -67.48 -4.22 -17.18
C ARG C 167 -68.03 -4.02 -18.57
N ILE C 168 -69.31 -3.60 -18.66
CA ILE C 168 -70.04 -3.52 -19.93
C ILE C 168 -70.18 -2.05 -20.36
N LYS C 169 -70.14 -1.90 -21.66
CA LYS C 169 -69.95 -0.64 -22.35
C LYS C 169 -71.16 -0.41 -23.23
N PRO C 170 -72.19 0.29 -22.68
CA PRO C 170 -73.48 0.53 -23.34
C PRO C 170 -73.37 1.67 -24.33
N GLU C 171 -73.27 1.34 -25.63
CA GLU C 171 -72.99 2.34 -26.66
C GLU C 171 -73.99 3.55 -26.61
N ILE C 172 -74.46 3.99 -25.41
CA ILE C 172 -75.56 4.98 -25.31
C ILE C 172 -75.32 6.28 -26.14
N SER C 173 -76.25 7.24 -26.22
CA SER C 173 -76.11 8.29 -27.26
C SER C 173 -76.51 9.73 -27.03
N GLU C 174 -76.26 10.48 -28.12
CA GLU C 174 -76.22 11.92 -28.14
C GLU C 174 -77.49 12.57 -27.58
N GLY C 175 -78.58 11.82 -27.51
CA GLY C 175 -79.82 12.51 -27.21
C GLY C 175 -80.11 12.45 -25.75
N ASP C 176 -79.83 11.26 -25.22
CA ASP C 176 -80.34 10.81 -23.95
C ASP C 176 -79.25 11.10 -22.95
N ILE C 177 -78.23 11.78 -23.42
CA ILE C 177 -77.06 11.89 -22.60
C ILE C 177 -77.13 13.02 -21.56
N THR C 178 -77.94 14.04 -21.78
CA THR C 178 -78.20 15.02 -20.73
C THR C 178 -78.72 14.33 -19.50
N LYS C 179 -79.21 13.11 -19.70
CA LYS C 179 -79.65 12.27 -18.60
C LYS C 179 -78.72 11.12 -18.79
N VAL C 180 -78.97 10.00 -18.09
CA VAL C 180 -77.91 9.05 -17.68
C VAL C 180 -76.86 9.78 -16.89
N LYS C 181 -76.94 9.62 -15.58
CA LYS C 181 -75.89 10.06 -14.70
C LYS C 181 -75.34 8.78 -14.09
N ALA C 182 -74.60 8.92 -13.00
CA ALA C 182 -74.02 7.79 -12.30
C ALA C 182 -74.96 7.29 -11.21
N GLY C 183 -74.82 6.02 -10.84
CA GLY C 183 -75.60 5.45 -9.75
C GLY C 183 -77.05 5.21 -10.11
N GLN C 184 -77.35 5.21 -11.40
CA GLN C 184 -78.69 4.86 -11.85
C GLN C 184 -78.82 3.36 -11.84
N ASP C 185 -79.94 2.87 -11.36
CA ASP C 185 -80.14 1.43 -11.38
C ASP C 185 -80.28 0.97 -12.84
N VAL C 186 -79.58 -0.10 -13.20
CA VAL C 186 -79.71 -0.65 -14.55
C VAL C 186 -80.06 -2.12 -14.52
N THR C 187 -80.71 -2.56 -15.57
CA THR C 187 -80.79 -3.96 -15.85
C THR C 187 -80.37 -4.13 -17.30
N PHE C 188 -79.93 -5.32 -17.62
CA PHE C 188 -79.53 -5.54 -18.98
C PHE C 188 -79.59 -7.03 -19.09
N THR C 189 -79.57 -7.55 -20.32
CA THR C 189 -79.23 -8.96 -20.53
C THR C 189 -78.73 -9.22 -21.92
N ILE C 190 -78.32 -10.46 -22.13
CA ILE C 190 -77.61 -10.82 -23.32
C ILE C 190 -78.45 -11.16 -24.53
N LEU C 191 -78.34 -12.46 -24.85
CA LEU C 191 -78.45 -13.00 -26.21
C LEU C 191 -78.05 -14.44 -26.16
N SER C 192 -77.96 -15.00 -24.97
CA SER C 192 -77.32 -16.30 -24.94
C SER C 192 -77.92 -17.13 -23.85
N ASP C 193 -78.67 -16.46 -22.98
CA ASP C 193 -79.39 -17.07 -21.87
C ASP C 193 -80.50 -16.07 -21.49
N ASN C 194 -81.55 -16.01 -22.33
CA ASN C 194 -82.68 -15.08 -22.22
C ASN C 194 -83.48 -15.06 -20.92
N LYS C 195 -83.70 -16.23 -20.34
CA LYS C 195 -84.27 -16.34 -19.00
C LYS C 195 -83.22 -16.02 -17.93
N THR C 196 -83.05 -14.72 -17.64
CA THR C 196 -82.05 -14.28 -16.67
C THR C 196 -82.37 -12.90 -16.16
N VAL C 197 -81.98 -11.89 -16.97
CA VAL C 197 -81.89 -10.49 -16.55
C VAL C 197 -80.82 -10.32 -15.49
N TYR C 198 -79.77 -9.59 -15.81
CA TYR C 198 -78.88 -9.16 -14.75
C TYR C 198 -79.18 -7.74 -14.39
N HIS C 199 -79.21 -7.48 -13.10
CA HIS C 199 -79.31 -6.11 -12.62
C HIS C 199 -77.89 -5.69 -12.32
N ALA C 200 -77.70 -4.38 -12.28
CA ALA C 200 -76.54 -3.78 -11.66
C ALA C 200 -76.94 -2.35 -11.36
N LYS C 201 -75.95 -1.50 -11.16
CA LYS C 201 -76.17 -0.08 -11.17
C LYS C 201 -75.29 0.41 -12.29
N ILE C 202 -75.39 1.69 -12.57
CA ILE C 202 -74.53 2.34 -13.53
C ILE C 202 -73.46 2.98 -12.70
N ASP C 203 -72.23 2.96 -13.19
CA ASP C 203 -71.12 3.24 -12.30
C ASP C 203 -70.30 4.45 -12.72
N SER C 204 -70.39 4.77 -14.00
CA SER C 204 -69.71 5.91 -14.52
C SER C 204 -70.15 6.18 -15.93
N VAL C 205 -70.19 7.47 -16.22
CA VAL C 205 -70.42 7.97 -17.54
C VAL C 205 -69.13 7.77 -18.32
N ASP C 206 -69.02 8.35 -19.50
CA ASP C 206 -67.74 8.86 -19.90
C ASP C 206 -67.95 10.30 -20.05
N PRO C 207 -66.96 10.99 -20.55
CA PRO C 207 -67.31 12.35 -20.95
C PRO C 207 -66.75 12.46 -22.34
N ALA C 208 -66.71 11.26 -22.90
CA ALA C 208 -65.96 10.94 -24.07
C ALA C 208 -66.76 10.13 -25.11
N THR C 209 -67.05 10.78 -26.25
CA THR C 209 -67.61 10.09 -27.40
C THR C 209 -66.82 8.86 -27.73
N THR C 210 -67.32 7.71 -27.41
CA THR C 210 -66.58 6.51 -27.67
C THR C 210 -65.86 6.29 -29.02
N THR C 211 -65.63 7.33 -29.83
CA THR C 211 -64.57 7.30 -30.85
C THR C 211 -63.32 7.74 -30.12
N ILE C 212 -63.57 8.70 -29.24
CA ILE C 212 -62.53 9.45 -28.56
C ILE C 212 -61.97 8.70 -27.37
N SER C 213 -62.79 7.94 -26.65
CA SER C 213 -62.18 6.79 -25.95
C SER C 213 -61.55 5.86 -26.98
N ASP C 214 -61.34 4.58 -26.63
CA ASP C 214 -60.81 3.58 -27.59
C ASP C 214 -60.56 4.00 -29.09
N ALA C 235 -73.19 9.64 -36.46
CA ALA C 235 -73.44 8.39 -35.71
C ALA C 235 -72.95 8.31 -34.22
N VAL C 236 -73.20 9.37 -33.41
CA VAL C 236 -72.52 9.66 -32.10
C VAL C 236 -72.94 9.04 -30.74
N TYR C 237 -72.06 8.22 -30.20
CA TYR C 237 -72.32 7.57 -28.93
C TYR C 237 -71.39 8.06 -27.82
N TYR C 238 -71.77 7.78 -26.57
CA TYR C 238 -71.06 8.18 -25.35
C TYR C 238 -71.10 7.00 -24.42
N TYR C 239 -70.08 6.13 -24.29
CA TYR C 239 -70.22 4.96 -23.37
C TYR C 239 -70.71 5.34 -21.98
N ALA C 240 -70.92 4.35 -21.15
CA ALA C 240 -71.16 4.71 -19.77
C ALA C 240 -71.06 3.43 -19.03
N ASN C 241 -69.87 3.17 -18.55
CA ASN C 241 -69.54 1.83 -18.24
C ASN C 241 -70.34 1.32 -17.07
N ILE C 242 -70.57 0.02 -17.09
CA ILE C 242 -71.02 -0.59 -15.89
C ILE C 242 -70.28 -1.87 -15.67
N ILE C 243 -69.83 -2.01 -14.42
CA ILE C 243 -68.99 -3.10 -13.95
C ILE C 243 -69.87 -4.11 -13.25
N VAL C 244 -69.41 -5.34 -13.17
CA VAL C 244 -69.80 -6.21 -12.07
C VAL C 244 -69.20 -7.56 -12.22
N GLU C 245 -69.06 -8.19 -11.06
CA GLU C 245 -68.33 -9.40 -10.90
C GLU C 245 -68.97 -10.50 -11.69
N ASN C 246 -68.16 -11.12 -12.51
CA ASN C 246 -68.47 -12.37 -13.15
C ASN C 246 -67.97 -13.51 -12.25
N PRO C 247 -68.79 -14.00 -11.30
CA PRO C 247 -68.25 -15.29 -10.84
C PRO C 247 -68.49 -16.42 -11.83
N GLU C 248 -67.84 -17.55 -11.59
CA GLU C 248 -67.82 -18.63 -12.57
C GLU C 248 -67.20 -18.17 -13.92
N HIS C 249 -67.35 -19.07 -14.90
CA HIS C 249 -66.89 -19.07 -16.30
C HIS C 249 -67.94 -18.40 -17.20
N VAL C 250 -69.00 -17.89 -16.59
CA VAL C 250 -70.25 -17.71 -17.33
C VAL C 250 -70.24 -16.66 -18.45
N LEU C 251 -70.39 -15.37 -18.13
CA LEU C 251 -70.12 -14.34 -19.13
C LEU C 251 -68.87 -14.61 -19.95
N ARG C 252 -68.75 -13.77 -20.94
CA ARG C 252 -67.53 -13.70 -21.65
C ARG C 252 -67.51 -12.28 -22.09
N ILE C 253 -66.80 -12.06 -23.19
CA ILE C 253 -66.13 -10.79 -23.33
C ILE C 253 -66.50 -10.03 -24.63
N GLY C 254 -66.60 -10.76 -25.75
CA GLY C 254 -66.93 -10.12 -27.01
C GLY C 254 -68.39 -9.70 -26.97
N MSE C 255 -69.18 -10.49 -26.24
CA MSE C 255 -70.59 -10.28 -26.03
C MSE C 255 -71.18 -8.88 -26.08
O MSE C 255 -70.60 -7.86 -25.65
CB MSE C 255 -70.95 -10.85 -24.71
CG MSE C 255 -70.53 -12.20 -24.67
SE MSE C 255 -71.12 -12.68 -22.95
CE MSE C 255 -71.25 -14.64 -23.33
N THR C 256 -72.41 -8.87 -26.62
CA THR C 256 -73.25 -7.71 -26.57
C THR C 256 -74.44 -7.99 -25.72
N THR C 257 -74.90 -6.92 -25.09
CA THR C 257 -76.01 -6.99 -24.18
C THR C 257 -77.05 -5.97 -24.53
N GLU C 258 -78.24 -6.23 -24.06
CA GLU C 258 -79.34 -5.32 -24.25
C GLU C 258 -79.68 -4.79 -22.87
N ASN C 259 -79.71 -3.48 -22.76
CA ASN C 259 -79.73 -2.84 -21.48
C ASN C 259 -80.62 -1.58 -21.39
N ASN C 260 -81.26 -1.44 -20.22
CA ASN C 260 -82.26 -0.43 -19.94
C ASN C 260 -82.06 0.17 -18.55
N ILE C 261 -82.28 1.48 -18.47
CA ILE C 261 -81.67 2.28 -17.43
C ILE C 261 -82.58 3.34 -16.87
N LYS C 262 -83.19 3.06 -15.73
CA LYS C 262 -84.17 3.97 -15.10
C LYS C 262 -83.68 5.41 -14.90
N ILE C 263 -83.95 6.32 -15.85
CA ILE C 263 -83.59 7.75 -15.63
C ILE C 263 -84.63 8.59 -14.82
N ALA C 264 -85.68 7.91 -14.41
CA ALA C 264 -86.55 8.50 -13.44
C ALA C 264 -87.26 7.39 -12.72
N ASP C 265 -87.63 7.72 -11.50
CA ASP C 265 -88.52 6.89 -10.74
C ASP C 265 -89.19 7.91 -9.85
N VAL C 266 -90.45 8.22 -10.17
CA VAL C 266 -91.35 8.65 -9.11
C VAL C 266 -92.25 7.48 -8.75
N GLN C 267 -91.94 6.90 -7.59
CA GLN C 267 -92.94 6.19 -6.84
C GLN C 267 -93.96 7.27 -6.55
N ASN C 268 -95.23 7.02 -6.89
CA ASN C 268 -96.35 7.65 -6.24
C ASN C 268 -96.77 9.11 -6.61
N VAL C 269 -96.97 9.40 -7.90
CA VAL C 269 -97.81 10.53 -8.31
C VAL C 269 -98.91 10.05 -9.26
N LEU C 270 -99.26 10.85 -10.26
CA LEU C 270 -100.51 10.62 -10.99
C LEU C 270 -100.36 10.31 -12.48
N PHE C 271 -101.07 9.25 -12.90
CA PHE C 271 -100.81 8.51 -14.13
C PHE C 271 -102.02 8.53 -15.11
N ILE C 272 -101.80 9.18 -16.26
CA ILE C 272 -102.73 9.31 -17.37
C ILE C 272 -102.29 8.38 -18.48
N PRO C 273 -102.87 7.15 -18.59
CA PRO C 273 -102.54 6.41 -19.82
C PRO C 273 -102.73 7.33 -21.01
N ASN C 274 -101.79 7.25 -21.93
CA ASN C 274 -101.33 8.43 -22.63
C ASN C 274 -102.29 9.56 -22.97
N LEU C 275 -102.81 9.45 -24.18
CA LEU C 275 -103.04 10.56 -25.07
C LEU C 275 -103.80 11.73 -24.46
N ALA C 276 -103.05 12.52 -23.72
CA ALA C 276 -103.33 13.94 -23.75
C ALA C 276 -102.29 14.46 -24.74
N VAL C 277 -101.97 13.66 -25.76
CA VAL C 277 -101.38 14.17 -26.99
C VAL C 277 -102.61 14.33 -27.83
N GLN C 278 -102.46 14.72 -29.09
CA GLN C 278 -103.60 14.83 -29.98
C GLN C 278 -103.17 14.53 -31.42
N GLN C 281 -97.60 25.83 -25.70
CA GLN C 281 -98.97 25.43 -25.97
C GLN C 281 -99.14 24.91 -27.40
N ASP C 282 -99.81 23.76 -27.62
CA ASP C 282 -99.91 22.53 -26.77
C ASP C 282 -100.45 22.40 -25.29
N LYS C 283 -101.68 22.86 -25.02
CA LYS C 283 -102.47 22.34 -23.89
C LYS C 283 -103.17 21.09 -24.41
N TYR C 284 -103.72 20.25 -23.54
CA TYR C 284 -104.43 19.07 -24.05
C TYR C 284 -105.79 18.74 -23.38
N VAL C 285 -106.73 18.24 -24.20
CA VAL C 285 -108.18 18.38 -23.97
C VAL C 285 -108.90 17.29 -23.15
N VAL C 286 -109.32 17.66 -21.94
CA VAL C 286 -110.00 16.74 -21.05
C VAL C 286 -111.34 16.36 -21.64
N GLU C 296 -109.64 24.64 -19.68
CA GLU C 296 -110.21 23.50 -18.96
C GLU C 296 -109.92 23.57 -17.47
N ARG C 297 -109.66 22.40 -16.91
CA ARG C 297 -108.85 22.28 -15.71
C ARG C 297 -107.92 21.10 -16.00
N GLU C 298 -106.64 21.30 -15.68
CA GLU C 298 -105.56 20.62 -16.35
C GLU C 298 -104.23 20.83 -15.66
N ILE C 299 -103.92 22.12 -15.47
CA ILE C 299 -102.57 22.69 -15.58
C ILE C 299 -101.47 21.61 -15.76
N GLU C 300 -101.09 21.46 -17.03
CA GLU C 300 -100.14 20.46 -17.57
C GLU C 300 -98.77 20.34 -16.83
N ILE C 301 -97.60 20.13 -17.46
CA ILE C 301 -97.35 19.20 -18.57
C ILE C 301 -96.57 18.11 -17.87
N GLY C 302 -96.18 17.06 -18.59
CA GLY C 302 -95.08 16.18 -18.18
C GLY C 302 -95.04 15.50 -16.79
N VAL C 303 -94.23 14.45 -16.67
CA VAL C 303 -93.19 14.13 -17.65
C VAL C 303 -93.07 12.63 -18.05
N GLN C 304 -92.78 12.41 -19.32
CA GLN C 304 -93.43 11.39 -20.14
C GLN C 304 -93.09 9.88 -20.14
N ASN C 305 -93.69 9.28 -21.18
CA ASN C 305 -93.30 8.07 -21.95
C ASN C 305 -93.17 6.69 -21.22
N ASP C 306 -93.03 5.55 -21.93
CA ASP C 306 -92.88 5.39 -23.40
C ASP C 306 -93.91 6.01 -24.35
N PHE C 307 -95.20 5.88 -24.08
CA PHE C 307 -96.07 6.85 -24.70
C PHE C 307 -96.65 7.64 -23.53
N GLN C 308 -97.11 6.96 -22.44
CA GLN C 308 -97.78 7.50 -21.19
C GLN C 308 -97.28 8.85 -20.71
N THR C 309 -97.80 9.39 -19.62
CA THR C 309 -97.33 10.73 -19.20
C THR C 309 -97.86 10.92 -17.83
N GLU C 310 -97.27 11.87 -17.10
CA GLU C 310 -97.59 12.07 -15.70
C GLU C 310 -97.98 13.52 -15.60
N VAL C 311 -98.56 13.86 -14.47
CA VAL C 311 -99.17 15.15 -14.32
C VAL C 311 -98.15 16.16 -13.85
N LYS C 312 -98.44 17.42 -14.09
CA LYS C 312 -98.05 18.40 -13.10
C LYS C 312 -99.28 19.18 -12.73
N SER C 313 -100.38 18.43 -12.74
CA SER C 313 -101.49 18.61 -11.80
C SER C 313 -102.46 19.78 -12.12
N GLY C 314 -103.76 19.53 -12.35
CA GLY C 314 -104.48 18.27 -12.20
C GLY C 314 -105.92 18.67 -12.59
N LEU C 315 -107.04 18.18 -12.01
CA LEU C 315 -107.35 16.77 -11.63
C LEU C 315 -107.68 16.21 -10.21
N THR C 316 -108.33 15.04 -10.25
CA THR C 316 -108.45 14.06 -9.16
C THR C 316 -108.08 12.71 -9.80
N GLU C 317 -108.79 11.65 -9.45
CA GLU C 317 -108.61 10.36 -10.12
C GLU C 317 -109.64 10.14 -11.27
N GLY C 318 -109.16 9.78 -12.46
CA GLY C 318 -110.04 9.33 -13.55
C GLY C 318 -110.82 10.27 -14.48
N GLU C 319 -110.50 11.57 -14.46
CA GLU C 319 -111.25 12.58 -15.24
C GLU C 319 -111.27 12.44 -16.76
N LYS C 320 -111.84 13.46 -17.39
CA LYS C 320 -112.25 13.44 -18.81
C LYS C 320 -111.13 13.00 -19.79
N VAL C 321 -110.93 11.67 -19.82
CA VAL C 321 -109.95 10.99 -20.67
C VAL C 321 -110.25 11.10 -22.19
N VAL C 322 -110.62 9.99 -22.86
CA VAL C 322 -110.77 10.01 -24.32
C VAL C 322 -111.51 8.80 -24.99
N ILE C 323 -112.47 9.14 -25.86
CA ILE C 323 -113.01 8.35 -27.01
C ILE C 323 -114.17 9.12 -27.72
N SER C 324 -114.13 9.23 -29.05
CA SER C 324 -112.92 9.13 -29.83
C SER C 324 -112.78 10.54 -30.39
N THR D 9 -100.09 -37.54 -31.68
CA THR D 9 -99.13 -37.71 -30.60
C THR D 9 -98.51 -39.14 -30.51
N GLU D 10 -98.22 -39.71 -31.68
CA GLU D 10 -97.40 -40.92 -31.82
C GLU D 10 -97.80 -42.03 -30.88
N GLU D 11 -96.80 -42.71 -30.34
CA GLU D 11 -96.93 -43.41 -29.08
C GLU D 11 -96.15 -42.50 -28.15
N VAL D 12 -95.57 -43.05 -27.09
CA VAL D 12 -94.40 -42.42 -26.46
C VAL D 12 -93.41 -43.52 -26.14
N LYS D 13 -92.79 -44.04 -27.19
CA LYS D 13 -91.70 -44.99 -27.07
C LYS D 13 -90.46 -44.24 -26.58
N ARG D 14 -90.23 -44.30 -25.27
CA ARG D 14 -88.92 -44.02 -24.70
C ARG D 14 -88.36 -42.59 -24.97
N GLY D 15 -87.08 -42.58 -25.34
CA GLY D 15 -86.37 -41.37 -25.73
C GLY D 15 -84.93 -41.64 -26.15
N ASN D 16 -84.43 -40.75 -27.01
CA ASN D 16 -82.99 -40.48 -27.18
C ASN D 16 -82.83 -39.14 -27.89
N ILE D 17 -82.56 -38.11 -27.10
CA ILE D 17 -82.40 -36.76 -27.64
C ILE D 17 -80.95 -36.44 -27.99
N GLU D 18 -80.74 -35.65 -29.03
CA GLU D 18 -79.44 -35.04 -29.27
C GLU D 18 -79.73 -33.58 -29.54
N LYS D 19 -79.24 -32.69 -28.69
CA LYS D 19 -79.57 -31.26 -28.83
C LYS D 19 -78.77 -30.63 -29.95
N ASN D 20 -77.47 -30.91 -29.98
CA ASN D 20 -76.56 -30.31 -30.95
C ASN D 20 -76.52 -28.78 -31.00
N VAL D 21 -75.39 -28.24 -31.42
CA VAL D 21 -75.40 -26.98 -32.14
C VAL D 21 -74.60 -27.21 -33.38
N VAL D 22 -74.63 -26.21 -34.23
CA VAL D 22 -73.85 -26.29 -35.41
C VAL D 22 -73.31 -24.92 -35.67
N ALA D 23 -71.99 -24.92 -35.92
CA ALA D 23 -71.31 -23.94 -36.78
C ALA D 23 -70.32 -24.60 -37.70
N THR D 24 -69.64 -23.70 -38.39
CA THR D 24 -68.89 -24.05 -39.54
C THR D 24 -67.45 -23.84 -39.15
N GLY D 25 -66.65 -24.86 -39.36
CA GLY D 25 -65.30 -24.79 -38.85
C GLY D 25 -64.33 -24.46 -39.95
N SER D 26 -63.55 -23.39 -39.73
CA SER D 26 -62.31 -23.16 -40.46
C SER D 26 -61.24 -24.07 -39.83
N ILE D 27 -60.64 -24.93 -40.64
CA ILE D 27 -59.72 -25.92 -40.11
C ILE D 27 -58.29 -25.41 -40.18
N GLU D 28 -57.43 -26.03 -39.36
CA GLU D 28 -56.09 -25.53 -39.10
C GLU D 28 -55.05 -26.59 -38.75
N SER D 29 -53.79 -26.16 -38.75
CA SER D 29 -52.71 -26.97 -38.22
C SER D 29 -52.34 -26.59 -36.81
N ILE D 30 -51.85 -27.59 -36.09
CA ILE D 30 -51.66 -27.49 -34.67
C ILE D 30 -50.57 -26.49 -34.31
N ASN D 31 -49.36 -26.67 -34.89
CA ASN D 31 -48.46 -25.51 -35.13
C ASN D 31 -47.63 -25.35 -36.41
N THR D 32 -47.21 -24.10 -36.53
CA THR D 32 -47.35 -23.23 -37.67
C THR D 32 -46.57 -22.03 -37.39
N VAL D 33 -45.53 -21.81 -38.20
CA VAL D 33 -44.59 -20.73 -37.92
C VAL D 33 -43.83 -20.19 -39.08
N ASP D 34 -43.69 -18.89 -38.97
CA ASP D 34 -43.05 -18.04 -39.92
C ASP D 34 -41.64 -17.73 -39.39
N VAL D 35 -40.70 -17.60 -40.33
CA VAL D 35 -39.30 -17.67 -40.01
C VAL D 35 -38.47 -16.78 -40.97
N GLY D 36 -37.77 -15.80 -40.39
CA GLY D 36 -36.82 -14.94 -41.10
C GLY D 36 -36.04 -14.16 -40.04
N ALA D 37 -34.72 -14.01 -40.19
CA ALA D 37 -33.91 -13.62 -39.00
C ALA D 37 -33.55 -12.14 -38.72
N GLN D 38 -32.85 -11.93 -37.59
CA GLN D 38 -32.58 -10.59 -37.02
C GLN D 38 -31.63 -9.80 -37.90
N VAL D 39 -31.15 -10.49 -38.94
CA VAL D 39 -30.09 -10.01 -39.84
C VAL D 39 -30.59 -9.03 -40.83
N SER D 40 -29.87 -8.73 -41.88
CA SER D 40 -30.45 -8.09 -43.03
C SER D 40 -29.75 -8.84 -44.12
N GLY D 41 -29.44 -8.11 -45.18
CA GLY D 41 -28.58 -8.60 -46.22
C GLY D 41 -29.06 -9.78 -47.02
N LYS D 42 -28.81 -9.68 -48.32
CA LYS D 42 -29.40 -10.53 -49.32
C LYS D 42 -29.09 -11.99 -49.12
N ILE D 43 -29.68 -12.84 -49.92
CA ILE D 43 -29.58 -14.22 -49.53
C ILE D 43 -28.73 -14.90 -50.60
N THR D 44 -28.63 -16.21 -50.58
CA THR D 44 -27.57 -16.80 -51.31
C THR D 44 -27.89 -18.19 -51.66
N LYS D 45 -28.31 -18.90 -50.64
CA LYS D 45 -28.61 -20.30 -50.80
C LYS D 45 -29.86 -20.61 -50.03
N LEU D 46 -30.85 -21.14 -50.77
CA LEU D 46 -32.19 -21.52 -50.34
C LEU D 46 -32.39 -23.04 -50.55
N TYR D 47 -32.84 -23.72 -49.51
CA TYR D 47 -32.63 -25.17 -49.44
C TYR D 47 -33.86 -26.03 -49.74
N VAL D 48 -35.04 -25.45 -49.50
CA VAL D 48 -36.33 -26.14 -49.62
C VAL D 48 -37.19 -25.64 -50.81
N LYS D 49 -38.21 -26.43 -51.19
CA LYS D 49 -39.41 -25.95 -51.92
C LYS D 49 -40.71 -26.27 -51.16
N LEU D 50 -41.80 -25.64 -51.57
CA LEU D 50 -43.11 -25.78 -50.93
C LEU D 50 -43.45 -27.24 -50.65
N GLY D 51 -43.73 -27.50 -49.39
CA GLY D 51 -44.17 -28.81 -48.99
C GLY D 51 -42.99 -29.71 -49.08
N GLN D 52 -42.06 -29.46 -48.21
CA GLN D 52 -41.03 -30.43 -47.99
C GLN D 52 -41.37 -30.81 -46.59
N GLN D 53 -41.16 -32.08 -46.30
CA GLN D 53 -41.05 -32.51 -44.94
C GLN D 53 -39.66 -32.01 -44.50
N VAL D 54 -39.59 -31.32 -43.35
CA VAL D 54 -38.31 -30.94 -42.70
C VAL D 54 -38.29 -31.35 -41.20
N LYS D 55 -37.21 -32.04 -40.78
CA LYS D 55 -36.96 -32.30 -39.36
C LYS D 55 -36.17 -31.11 -38.80
N LYS D 56 -35.88 -31.13 -37.51
CA LYS D 56 -35.42 -29.93 -36.78
C LYS D 56 -34.28 -29.07 -37.35
N GLY D 57 -34.09 -27.93 -36.71
CA GLY D 57 -33.15 -26.90 -37.13
C GLY D 57 -32.55 -26.80 -38.53
N ASP D 58 -33.16 -27.31 -39.58
CA ASP D 58 -32.36 -27.44 -40.79
C ASP D 58 -31.87 -26.24 -41.57
N LEU D 59 -31.34 -26.61 -42.71
CA LEU D 59 -30.71 -25.69 -43.61
C LEU D 59 -31.84 -25.07 -44.44
N LEU D 60 -31.99 -23.76 -44.36
CA LEU D 60 -33.10 -23.10 -45.04
C LEU D 60 -32.79 -22.31 -46.31
N ALA D 61 -32.01 -21.22 -46.27
CA ALA D 61 -31.44 -20.44 -45.16
C ALA D 61 -30.55 -19.36 -45.80
N GLU D 62 -29.63 -18.81 -45.01
CA GLU D 62 -28.45 -18.08 -45.55
C GLU D 62 -28.66 -16.96 -46.54
N ILE D 63 -28.76 -15.82 -45.86
CA ILE D 63 -28.37 -14.50 -46.24
C ILE D 63 -26.88 -14.67 -46.56
N ASP D 64 -26.33 -13.84 -47.48
CA ASP D 64 -24.83 -13.71 -47.67
C ASP D 64 -24.12 -13.32 -46.38
N PRO D 65 -23.18 -14.16 -45.99
CA PRO D 65 -22.58 -14.20 -44.65
C PRO D 65 -21.31 -13.32 -44.57
N ALA D 66 -21.06 -12.63 -45.68
CA ALA D 66 -19.79 -11.95 -45.99
C ALA D 66 -19.15 -11.05 -44.92
N THR D 67 -19.79 -9.94 -44.53
CA THR D 67 -19.28 -9.07 -43.47
C THR D 67 -19.30 -9.69 -42.06
N TYR D 68 -20.09 -10.74 -41.88
CA TYR D 68 -20.09 -11.38 -40.59
C TYR D 68 -18.83 -12.23 -40.46
N GLU D 69 -18.41 -12.86 -41.55
CA GLU D 69 -17.08 -13.47 -41.62
C GLU D 69 -15.89 -12.50 -41.33
N ALA D 70 -15.83 -11.34 -42.00
CA ALA D 70 -14.99 -10.19 -41.58
C ALA D 70 -14.93 -9.97 -40.04
N ASP D 71 -16.02 -9.47 -39.42
CA ASP D 71 -16.04 -9.38 -37.95
C ASP D 71 -15.61 -10.64 -37.12
N TYR D 72 -15.61 -11.82 -37.75
CA TYR D 72 -15.03 -12.99 -37.10
C TYR D 72 -13.52 -12.99 -37.06
N GLN D 73 -12.91 -12.70 -38.20
CA GLN D 73 -11.47 -12.47 -38.26
C GLN D 73 -11.14 -11.42 -37.19
N SER D 74 -11.61 -10.19 -37.39
CA SER D 74 -11.34 -9.10 -36.44
C SER D 74 -11.50 -9.37 -34.91
N ALA D 75 -12.63 -9.92 -34.43
CA ALA D 75 -12.58 -10.37 -33.02
C ALA D 75 -11.77 -11.68 -32.67
N GLN D 76 -11.42 -12.56 -33.64
CA GLN D 76 -10.56 -13.73 -33.34
C GLN D 76 -9.03 -13.44 -33.25
N ALA D 77 -8.54 -12.47 -34.04
CA ALA D 77 -7.15 -11.98 -33.89
C ALA D 77 -7.02 -11.35 -32.48
N ASN D 78 -7.59 -10.15 -32.32
CA ASN D 78 -7.73 -9.51 -30.98
C ASN D 78 -8.03 -10.48 -29.75
N LEU D 79 -8.57 -11.69 -30.03
CA LEU D 79 -8.59 -12.76 -29.01
C LEU D 79 -7.31 -13.58 -28.92
N ALA D 80 -6.70 -13.92 -30.06
CA ALA D 80 -5.38 -14.59 -30.02
C ALA D 80 -4.37 -13.76 -29.20
N SER D 81 -4.26 -12.45 -29.49
CA SER D 81 -3.55 -11.50 -28.59
C SER D 81 -3.87 -11.69 -27.10
N THR D 82 -5.04 -11.21 -26.64
CA THR D 82 -5.23 -11.29 -25.17
C THR D 82 -5.08 -12.70 -24.55
N GLN D 83 -5.35 -13.74 -25.33
CA GLN D 83 -5.17 -15.11 -24.85
C GLN D 83 -3.70 -15.39 -24.57
N GLU D 84 -2.83 -15.16 -25.57
CA GLU D 84 -1.39 -15.31 -25.34
C GLU D 84 -0.95 -14.47 -24.13
N GLN D 85 -1.33 -13.19 -24.10
CA GLN D 85 -0.99 -12.26 -23.00
C GLN D 85 -1.28 -12.80 -21.60
N ALA D 86 -2.56 -12.95 -21.26
CA ALA D 86 -2.83 -13.41 -19.90
C ALA D 86 -2.51 -14.91 -19.68
N GLN D 87 -2.16 -15.62 -20.77
CA GLN D 87 -1.57 -16.96 -20.58
C GLN D 87 -0.12 -16.83 -20.12
N ARG D 88 0.52 -15.73 -20.52
CA ARG D 88 1.89 -15.42 -20.09
C ARG D 88 1.94 -14.86 -18.67
N TYR D 89 1.23 -13.75 -18.35
CA TYR D 89 0.94 -13.40 -16.94
C TYR D 89 0.18 -14.43 -16.09
N LYS D 90 -0.15 -15.60 -16.63
CA LYS D 90 -0.70 -16.62 -15.76
C LYS D 90 0.49 -17.32 -15.07
N LEU D 91 1.67 -17.14 -15.65
CA LEU D 91 2.91 -17.71 -15.12
C LEU D 91 3.82 -16.70 -14.38
N LEU D 92 3.41 -15.42 -14.31
CA LEU D 92 3.93 -14.40 -13.34
C LEU D 92 2.92 -14.40 -12.20
N VAL D 93 3.19 -13.71 -11.10
CA VAL D 93 2.49 -14.04 -9.85
C VAL D 93 2.70 -15.50 -9.35
N ALA D 94 2.67 -16.50 -10.25
CA ALA D 94 3.02 -17.90 -9.91
C ALA D 94 4.55 -18.13 -9.75
N ASP D 95 5.32 -17.04 -9.89
CA ASP D 95 6.70 -16.87 -9.37
C ASP D 95 6.54 -15.85 -8.25
N GLN D 96 6.64 -14.60 -8.67
CA GLN D 96 5.97 -13.41 -8.10
C GLN D 96 6.45 -12.19 -8.88
N ALA D 97 6.83 -12.48 -10.13
CA ALA D 97 7.30 -11.47 -11.10
C ALA D 97 6.50 -10.14 -11.16
N VAL D 98 5.56 -10.02 -12.12
CA VAL D 98 4.65 -8.85 -12.13
C VAL D 98 3.19 -9.06 -11.64
N SER D 99 2.58 -7.91 -11.32
CA SER D 99 1.89 -7.64 -10.04
C SER D 99 0.72 -8.46 -9.50
N LYS D 100 -0.42 -7.81 -9.30
CA LYS D 100 -1.70 -8.48 -9.06
C LYS D 100 -2.75 -7.52 -9.62
N GLN D 101 -2.26 -6.48 -10.28
CA GLN D 101 -3.06 -5.42 -10.85
C GLN D 101 -2.87 -5.43 -12.37
N GLN D 102 -1.73 -5.95 -12.82
CA GLN D 102 -1.44 -6.19 -14.24
C GLN D 102 -2.03 -7.50 -14.71
N TYR D 103 -2.40 -8.34 -13.75
CA TYR D 103 -3.25 -9.50 -14.00
C TYR D 103 -4.75 -9.15 -14.25
N ALA D 104 -5.30 -8.28 -13.41
CA ALA D 104 -6.67 -7.78 -13.58
C ALA D 104 -6.91 -7.25 -14.99
N ASP D 105 -6.05 -6.38 -15.50
CA ASP D 105 -6.19 -5.88 -16.87
C ASP D 105 -5.87 -6.87 -18.03
N ALA D 106 -5.04 -7.89 -17.79
CA ALA D 106 -4.84 -8.93 -18.82
C ALA D 106 -6.05 -9.87 -18.92
N ASN D 107 -6.63 -10.18 -17.77
CA ASN D 107 -7.90 -10.91 -17.70
C ASN D 107 -9.04 -10.12 -18.34
N ALA D 108 -9.21 -8.86 -17.93
CA ALA D 108 -10.18 -7.95 -18.54
C ALA D 108 -10.09 -7.96 -20.06
N ALA D 109 -8.92 -7.63 -20.62
CA ALA D 109 -8.82 -7.68 -22.08
C ALA D 109 -9.13 -9.08 -22.64
N TYR D 110 -8.82 -10.12 -21.87
CA TYR D 110 -9.13 -11.49 -22.28
C TYR D 110 -10.62 -11.82 -22.35
N LEU D 111 -11.27 -11.82 -21.19
CA LEU D 111 -12.71 -11.98 -21.07
C LEU D 111 -13.45 -11.09 -22.07
N GLN D 112 -13.16 -9.79 -22.07
CA GLN D 112 -13.75 -8.87 -23.06
C GLN D 112 -13.56 -9.29 -24.52
N SER D 113 -12.38 -9.78 -24.89
CA SER D 113 -12.16 -10.21 -26.30
C SER D 113 -12.73 -11.61 -26.66
N LYS D 114 -12.96 -12.45 -25.65
CA LYS D 114 -13.77 -13.70 -25.75
C LYS D 114 -15.28 -13.47 -25.93
N ALA D 115 -15.88 -12.72 -24.99
CA ALA D 115 -17.22 -12.13 -25.15
C ALA D 115 -17.35 -11.59 -26.59
N ALA D 116 -16.74 -10.45 -26.94
CA ALA D 116 -16.85 -9.99 -28.34
C ALA D 116 -16.54 -11.04 -29.43
N VAL D 117 -15.87 -12.14 -29.08
CA VAL D 117 -15.82 -13.28 -30.02
C VAL D 117 -17.09 -14.11 -30.12
N GLU D 118 -17.71 -14.41 -28.98
CA GLU D 118 -18.96 -15.15 -28.97
C GLU D 118 -20.09 -14.33 -29.61
N GLN D 119 -20.06 -13.00 -29.40
CA GLN D 119 -20.93 -12.05 -30.11
C GLN D 119 -20.84 -12.12 -31.62
N ALA D 120 -19.73 -11.73 -32.24
CA ALA D 120 -19.80 -11.86 -33.72
C ALA D 120 -19.92 -13.30 -34.24
N ARG D 121 -19.58 -14.29 -33.40
CA ARG D 121 -19.84 -15.68 -33.79
C ARG D 121 -21.35 -15.98 -33.81
N ILE D 122 -22.07 -15.34 -32.88
CA ILE D 122 -23.56 -15.35 -32.85
C ILE D 122 -24.12 -14.69 -34.13
N ASN D 123 -23.85 -13.42 -34.41
CA ASN D 123 -24.21 -12.84 -35.71
C ASN D 123 -23.76 -13.60 -37.02
N LEU D 124 -22.90 -14.60 -36.83
CA LEU D 124 -22.75 -15.60 -37.88
C LEU D 124 -23.78 -16.76 -37.80
N ARG D 125 -24.08 -17.19 -36.58
CA ARG D 125 -25.07 -18.21 -36.33
C ARG D 125 -26.45 -17.69 -36.75
N TYR D 126 -26.61 -16.36 -36.72
CA TYR D 126 -27.77 -15.66 -37.32
C TYR D 126 -27.74 -15.93 -38.78
N THR D 127 -26.99 -15.21 -39.63
CA THR D 127 -26.88 -15.73 -41.07
C THR D 127 -27.22 -17.24 -41.43
N LYS D 128 -27.13 -18.17 -40.47
CA LYS D 128 -27.70 -19.52 -40.71
C LYS D 128 -29.06 -19.90 -40.02
N ILE D 129 -30.02 -20.37 -40.85
CA ILE D 129 -31.48 -20.16 -40.64
C ILE D 129 -32.29 -21.11 -39.79
N THR D 130 -32.27 -22.41 -40.10
CA THR D 130 -32.84 -23.37 -39.15
C THR D 130 -34.35 -23.35 -39.08
N SER D 131 -34.99 -24.51 -39.14
CA SER D 131 -36.44 -24.63 -38.96
C SER D 131 -36.99 -24.86 -37.54
N PRO D 132 -37.67 -23.87 -36.95
CA PRO D 132 -38.08 -23.99 -35.55
C PRO D 132 -38.95 -25.19 -35.14
N ILE D 133 -39.22 -26.14 -36.04
CA ILE D 133 -39.74 -27.45 -35.63
C ILE D 133 -39.59 -28.45 -36.75
N ASP D 134 -39.63 -29.74 -36.39
CA ASP D 134 -39.79 -30.80 -37.38
C ASP D 134 -41.21 -30.64 -37.94
N GLY D 135 -41.32 -30.42 -39.25
CA GLY D 135 -42.62 -30.16 -39.83
C GLY D 135 -42.69 -30.11 -41.34
N THR D 136 -43.57 -29.25 -41.85
CA THR D 136 -43.78 -29.22 -43.27
C THR D 136 -43.94 -27.84 -43.80
N VAL D 137 -43.46 -27.70 -45.02
CA VAL D 137 -43.27 -26.39 -45.60
C VAL D 137 -44.50 -25.91 -46.27
N ILE D 138 -45.13 -24.93 -45.65
CA ILE D 138 -46.28 -24.27 -46.24
C ILE D 138 -45.74 -23.40 -47.35
N SER D 139 -45.05 -22.35 -46.94
CA SER D 139 -44.82 -21.24 -47.83
C SER D 139 -43.35 -20.98 -48.08
N THR D 140 -43.02 -20.27 -49.16
CA THR D 140 -41.64 -19.99 -49.47
C THR D 140 -41.71 -18.69 -50.16
N PRO D 141 -42.03 -17.65 -49.42
CA PRO D 141 -42.23 -16.27 -49.92
C PRO D 141 -41.06 -15.62 -50.66
N VAL D 142 -39.93 -16.31 -50.65
CA VAL D 142 -38.64 -15.63 -50.52
C VAL D 142 -37.53 -16.37 -51.25
N SER D 143 -36.76 -15.65 -52.07
CA SER D 143 -36.03 -16.31 -53.17
C SER D 143 -34.49 -16.12 -53.38
N GLU D 144 -33.82 -17.16 -53.89
CA GLU D 144 -32.41 -17.07 -54.24
C GLU D 144 -31.99 -15.84 -55.12
N GLY D 145 -31.98 -14.65 -54.52
CA GLY D 145 -31.52 -13.47 -55.22
C GLY D 145 -32.08 -12.33 -54.46
N GLN D 146 -32.72 -12.70 -53.36
CA GLN D 146 -33.65 -11.80 -52.73
C GLN D 146 -33.09 -10.99 -51.62
N THR D 147 -33.09 -9.73 -51.98
CA THR D 147 -32.30 -8.75 -51.35
C THR D 147 -32.97 -8.30 -50.00
N VAL D 148 -33.43 -9.27 -49.17
CA VAL D 148 -34.17 -9.03 -47.90
C VAL D 148 -33.61 -7.91 -47.03
N ASN D 149 -34.26 -7.51 -45.96
CA ASN D 149 -33.60 -6.57 -45.06
C ASN D 149 -34.43 -6.56 -43.80
N SER D 150 -33.83 -6.60 -42.59
CA SER D 150 -34.65 -6.50 -41.39
C SER D 150 -34.67 -5.08 -40.95
N ASN D 151 -33.97 -4.78 -39.88
CA ASN D 151 -34.28 -3.65 -39.04
C ASN D 151 -35.59 -4.00 -38.41
N GLN D 152 -36.64 -3.29 -38.82
CA GLN D 152 -37.82 -3.05 -37.99
C GLN D 152 -39.12 -3.82 -38.45
N THR D 153 -38.98 -4.46 -39.60
CA THR D 153 -39.98 -5.34 -40.12
C THR D 153 -39.45 -6.73 -40.19
N THR D 154 -39.56 -7.59 -39.18
CA THR D 154 -38.99 -8.93 -39.35
C THR D 154 -39.27 -9.47 -40.73
N PRO D 155 -38.30 -9.85 -41.56
CA PRO D 155 -39.00 -10.69 -42.51
C PRO D 155 -39.31 -12.06 -42.01
N THR D 156 -40.36 -12.63 -42.59
CA THR D 156 -40.38 -14.06 -42.68
C THR D 156 -40.02 -14.43 -44.09
N ILE D 157 -39.81 -15.72 -44.28
CA ILE D 157 -38.88 -16.13 -45.28
C ILE D 157 -39.11 -17.57 -45.58
N ILE D 158 -39.48 -18.28 -44.55
CA ILE D 158 -40.10 -19.53 -44.75
C ILE D 158 -41.25 -19.52 -43.77
N LYS D 159 -42.31 -20.27 -44.11
CA LYS D 159 -43.44 -20.61 -43.26
C LYS D 159 -43.39 -22.14 -43.22
N VAL D 160 -43.66 -22.71 -42.06
CA VAL D 160 -43.67 -24.14 -42.00
C VAL D 160 -44.54 -24.53 -40.87
N ALA D 161 -45.16 -25.71 -40.97
CA ALA D 161 -45.93 -26.22 -39.86
C ALA D 161 -46.21 -27.70 -39.90
N ASP D 162 -46.88 -28.16 -38.84
CA ASP D 162 -47.11 -29.58 -38.56
C ASP D 162 -48.41 -30.17 -39.08
N LEU D 163 -48.32 -31.10 -40.05
CA LEU D 163 -49.55 -31.69 -40.58
C LEU D 163 -49.63 -33.22 -40.53
N SER D 164 -49.50 -33.70 -39.31
CA SER D 164 -50.15 -34.87 -38.75
C SER D 164 -50.72 -34.00 -37.70
N LYS D 165 -51.64 -34.48 -36.88
CA LYS D 165 -52.25 -33.58 -35.89
C LYS D 165 -52.71 -32.21 -36.45
N MSE D 166 -54.01 -32.10 -36.72
CA MSE D 166 -54.63 -30.84 -37.08
C MSE D 166 -55.73 -30.50 -36.14
O MSE D 166 -56.25 -31.35 -35.40
CB MSE D 166 -55.22 -30.92 -38.43
CG MSE D 166 -54.27 -31.44 -39.38
SE MSE D 166 -53.80 -29.81 -40.21
CE MSE D 166 -53.42 -30.59 -41.97
N ARG D 167 -56.07 -29.24 -36.17
CA ARG D 167 -57.01 -28.73 -35.21
C ARG D 167 -57.90 -27.75 -35.90
N ILE D 168 -59.21 -27.96 -35.72
CA ILE D 168 -60.28 -27.22 -36.39
C ILE D 168 -60.98 -26.19 -35.47
N LYS D 169 -61.34 -25.11 -36.12
CA LYS D 169 -61.71 -23.88 -35.47
C LYS D 169 -63.13 -23.54 -35.88
N PRO D 170 -64.11 -24.02 -35.07
CA PRO D 170 -65.54 -23.88 -35.39
C PRO D 170 -66.00 -22.48 -35.01
N GLU D 171 -66.09 -21.62 -36.01
CA GLU D 171 -66.48 -20.24 -35.73
C GLU D 171 -67.73 -20.05 -34.80
N ILE D 172 -67.96 -20.92 -33.79
CA ILE D 172 -69.23 -20.91 -32.99
C ILE D 172 -69.61 -19.54 -32.40
N SER D 173 -70.78 -19.36 -31.76
CA SER D 173 -71.26 -17.99 -31.50
C SER D 173 -71.98 -17.60 -30.23
N GLU D 174 -72.32 -16.28 -30.23
CA GLU D 174 -72.72 -15.51 -29.05
C GLU D 174 -73.90 -16.13 -28.27
N GLY D 175 -74.65 -17.00 -28.92
CA GLY D 175 -75.88 -17.37 -28.29
C GLY D 175 -75.68 -18.63 -27.53
N ASP D 176 -75.01 -19.55 -28.22
CA ASP D 176 -74.98 -20.96 -27.88
C ASP D 176 -73.79 -21.16 -26.97
N ILE D 177 -73.18 -20.05 -26.59
CA ILE D 177 -71.90 -20.18 -25.95
C ILE D 177 -72.01 -20.43 -24.46
N THR D 178 -73.14 -20.08 -23.82
CA THR D 178 -73.41 -20.54 -22.45
C THR D 178 -73.35 -22.07 -22.35
N LYS D 179 -73.47 -22.71 -23.49
CA LYS D 179 -73.29 -24.14 -23.57
C LYS D 179 -72.15 -24.21 -24.54
N VAL D 180 -71.89 -25.39 -25.10
CA VAL D 180 -70.54 -25.76 -25.56
C VAL D 180 -69.56 -25.59 -24.41
N LYS D 181 -69.22 -26.72 -23.79
CA LYS D 181 -68.12 -26.78 -22.86
C LYS D 181 -67.07 -27.69 -23.50
N ALA D 182 -66.16 -28.20 -22.69
CA ALA D 182 -65.12 -29.06 -23.17
C ALA D 182 -65.54 -30.49 -23.05
N GLY D 183 -64.93 -31.36 -23.85
CA GLY D 183 -65.16 -32.79 -23.77
C GLY D 183 -66.52 -33.21 -24.29
N GLN D 184 -67.14 -32.32 -25.07
CA GLN D 184 -68.40 -32.67 -25.69
C GLN D 184 -68.07 -33.48 -26.93
N ASP D 185 -68.82 -34.55 -27.17
CA ASP D 185 -68.61 -35.29 -28.38
C ASP D 185 -69.00 -34.40 -29.58
N VAL D 186 -68.18 -34.41 -30.63
CA VAL D 186 -68.53 -33.70 -31.86
C VAL D 186 -68.38 -34.57 -33.09
N THR D 187 -69.17 -34.26 -34.10
CA THR D 187 -68.90 -34.76 -35.40
C THR D 187 -68.86 -33.56 -36.33
N PHE D 188 -68.22 -33.74 -37.45
CA PHE D 188 -68.14 -32.66 -38.36
C PHE D 188 -67.78 -33.32 -39.66
N THR D 189 -67.98 -32.63 -40.78
CA THR D 189 -67.31 -33.05 -42.00
C THR D 189 -67.18 -31.90 -42.96
N ILE D 190 -66.50 -32.22 -44.06
CA ILE D 190 -66.03 -31.21 -44.99
C ILE D 190 -67.03 -30.73 -46.03
N LEU D 191 -66.67 -31.09 -47.27
CA LEU D 191 -67.00 -30.37 -48.48
C LEU D 191 -66.19 -31.00 -49.57
N SER D 192 -65.60 -32.13 -49.31
CA SER D 192 -64.64 -32.57 -50.28
C SER D 192 -64.72 -34.06 -50.47
N ASP D 193 -65.33 -34.69 -49.47
CA ASP D 193 -65.53 -36.12 -49.40
C ASP D 193 -66.70 -36.34 -48.47
N ASN D 194 -67.90 -36.06 -48.98
CA ASN D 194 -69.17 -36.11 -48.26
C ASN D 194 -69.54 -37.43 -47.56
N LYS D 195 -69.26 -38.56 -48.20
CA LYS D 195 -69.40 -39.87 -47.57
C LYS D 195 -68.22 -40.11 -46.62
N THR D 196 -68.34 -39.61 -45.39
CA THR D 196 -67.28 -39.76 -44.39
C THR D 196 -67.81 -39.58 -42.99
N VAL D 197 -68.02 -38.32 -42.62
CA VAL D 197 -68.21 -37.91 -41.23
C VAL D 197 -66.99 -38.23 -40.39
N TYR D 198 -66.35 -37.20 -39.85
CA TYR D 198 -65.35 -37.46 -38.83
C TYR D 198 -65.94 -37.17 -37.48
N HIS D 199 -65.70 -38.06 -36.54
CA HIS D 199 -66.06 -37.78 -35.18
C HIS D 199 -64.79 -37.26 -34.53
N ALA D 200 -64.94 -36.56 -33.42
CA ALA D 200 -63.85 -36.29 -32.49
C ALA D 200 -64.52 -35.99 -31.18
N LYS D 201 -63.81 -35.29 -30.31
CA LYS D 201 -64.45 -34.65 -29.17
C LYS D 201 -64.11 -33.18 -29.33
N ILE D 202 -64.65 -32.36 -28.44
CA ILE D 202 -64.32 -30.96 -28.40
C ILE D 202 -63.31 -30.90 -27.31
N ASP D 203 -62.31 -30.05 -27.49
CA ASP D 203 -61.13 -30.18 -26.65
C ASP D 203 -60.82 -28.92 -25.82
N SER D 204 -61.36 -27.81 -26.28
CA SER D 204 -61.20 -26.56 -25.60
C SER D 204 -62.07 -25.53 -26.25
N VAL D 205 -62.60 -24.69 -25.37
CA VAL D 205 -63.32 -23.49 -25.73
C VAL D 205 -62.29 -22.48 -26.24
N ASP D 206 -62.71 -21.23 -26.34
CA ASP D 206 -61.76 -20.19 -26.09
C ASP D 206 -62.40 -19.43 -24.99
N PRO D 207 -61.81 -18.30 -24.65
CA PRO D 207 -62.62 -17.43 -23.81
C PRO D 207 -62.49 -16.09 -24.47
N ALA D 208 -62.26 -16.23 -25.76
CA ALA D 208 -61.83 -15.17 -26.61
C ALA D 208 -62.63 -15.11 -27.93
N THR D 209 -63.39 -14.02 -28.08
CA THR D 209 -64.04 -13.69 -29.36
C THR D 209 -63.07 -13.77 -30.52
N THR D 210 -63.08 -14.82 -31.30
CA THR D 210 -62.13 -14.89 -32.40
C THR D 210 -61.79 -13.64 -33.28
N THR D 211 -62.08 -12.41 -32.84
CA THR D 211 -61.36 -11.24 -33.34
C THR D 211 -60.14 -11.09 -32.46
N ILE D 212 -60.37 -11.36 -31.17
CA ILE D 212 -59.44 -11.11 -30.10
C ILE D 212 -58.40 -12.20 -29.98
N SER D 213 -58.74 -13.45 -30.22
CA SER D 213 -57.67 -14.34 -30.70
C SER D 213 -57.03 -13.76 -31.96
N ASP D 214 -56.22 -14.53 -32.66
CA ASP D 214 -55.20 -13.97 -33.62
C ASP D 214 -55.02 -12.40 -33.86
N ALA D 235 -71.56 -9.06 -35.41
CA ALA D 235 -71.22 -10.39 -35.98
C ALA D 235 -70.34 -11.43 -35.14
N VAL D 236 -70.64 -11.62 -33.85
CA VAL D 236 -69.70 -12.18 -32.82
C VAL D 236 -69.54 -13.68 -32.58
N TYR D 237 -68.37 -14.20 -32.89
CA TYR D 237 -68.05 -15.61 -32.69
C TYR D 237 -67.04 -15.88 -31.55
N TYR D 238 -66.96 -17.12 -31.08
CA TYR D 238 -66.05 -17.56 -30.02
C TYR D 238 -65.52 -18.87 -30.44
N TYR D 239 -64.27 -19.04 -30.93
CA TYR D 239 -63.80 -20.37 -31.43
C TYR D 239 -64.00 -21.45 -30.40
N ALA D 240 -63.71 -22.66 -30.79
CA ALA D 240 -63.67 -23.67 -29.75
C ALA D 240 -62.99 -24.85 -30.34
N ASN D 241 -61.69 -24.90 -30.16
CA ASN D 241 -60.88 -25.66 -31.09
C ASN D 241 -61.13 -27.12 -30.88
N ILE D 242 -61.00 -27.87 -31.96
CA ILE D 242 -60.92 -29.32 -31.84
C ILE D 242 -59.78 -29.85 -32.66
N ILE D 243 -59.01 -30.73 -32.03
CA ILE D 243 -57.77 -31.24 -32.59
C ILE D 243 -58.07 -32.61 -33.06
N VAL D 244 -57.27 -33.10 -33.99
CA VAL D 244 -57.08 -34.54 -34.11
C VAL D 244 -56.20 -34.87 -35.28
N GLU D 245 -55.56 -36.01 -35.11
CA GLU D 245 -54.48 -36.47 -35.94
C GLU D 245 -54.99 -36.67 -37.33
N ASN D 246 -54.32 -36.02 -38.26
CA ASN D 246 -54.45 -36.27 -39.66
C ASN D 246 -53.43 -37.35 -40.06
N PRO D 247 -53.77 -38.65 -39.95
CA PRO D 247 -52.77 -39.43 -40.69
C PRO D 247 -52.92 -39.32 -42.19
N GLU D 248 -51.92 -39.82 -42.89
CA GLU D 248 -51.81 -39.61 -44.32
C GLU D 248 -51.77 -38.11 -44.66
N HIS D 249 -52.02 -37.87 -45.94
CA HIS D 249 -51.94 -36.61 -46.68
C HIS D 249 -53.27 -35.88 -46.58
N VAL D 250 -54.28 -36.61 -46.11
CA VAL D 250 -55.68 -36.39 -46.53
C VAL D 250 -56.29 -34.98 -46.34
N LEU D 251 -56.73 -34.63 -45.13
CA LEU D 251 -57.06 -33.26 -44.84
C LEU D 251 -56.05 -32.28 -45.39
N ARG D 252 -56.40 -31.04 -45.24
CA ARG D 252 -55.48 -29.99 -45.50
C ARG D 252 -55.99 -28.94 -44.59
N ILE D 253 -55.76 -27.70 -44.98
CA ILE D 253 -55.53 -26.70 -43.95
C ILE D 253 -56.47 -25.52 -44.10
N GLY D 254 -56.63 -25.04 -45.33
CA GLY D 254 -57.46 -23.87 -45.55
C GLY D 254 -58.92 -24.22 -45.33
N MSE D 255 -59.20 -25.49 -45.57
CA MSE D 255 -60.51 -26.07 -45.48
C MSE D 255 -61.47 -25.56 -44.45
O MSE D 255 -61.08 -25.17 -43.33
CB MSE D 255 -60.33 -27.54 -45.23
CG MSE D 255 -59.56 -28.08 -46.31
SE MSE D 255 -59.54 -29.87 -45.83
CE MSE D 255 -59.15 -30.59 -47.61
N THR D 256 -62.74 -25.57 -44.86
CA THR D 256 -63.86 -25.42 -43.96
C THR D 256 -64.66 -26.72 -43.74
N THR D 257 -65.19 -26.83 -42.54
CA THR D 257 -65.94 -28.00 -42.19
C THR D 257 -67.29 -27.61 -41.68
N GLU D 258 -68.18 -28.59 -41.73
CA GLU D 258 -69.48 -28.42 -41.17
C GLU D 258 -69.60 -29.36 -39.98
N ASN D 259 -69.99 -28.79 -38.84
CA ASN D 259 -69.80 -29.44 -37.57
C ASN D 259 -70.93 -29.23 -36.56
N ASN D 260 -71.23 -30.32 -35.86
CA ASN D 260 -72.38 -30.39 -34.97
C ASN D 260 -71.97 -31.09 -33.67
N ILE D 261 -72.52 -30.57 -32.57
CA ILE D 261 -71.93 -30.72 -31.23
C ILE D 261 -72.89 -31.01 -30.08
N LYS D 262 -73.08 -32.29 -29.77
CA LYS D 262 -74.03 -32.69 -28.76
C LYS D 262 -73.93 -31.91 -27.43
N ILE D 263 -74.67 -30.83 -27.27
CA ILE D 263 -74.71 -30.16 -25.97
C ILE D 263 -75.68 -30.79 -24.93
N ALA D 264 -76.36 -31.85 -25.32
CA ALA D 264 -77.07 -32.67 -24.36
C ALA D 264 -77.21 -34.07 -24.91
N ASP D 265 -77.32 -34.98 -23.97
CA ASP D 265 -77.69 -36.33 -24.27
C ASP D 265 -78.35 -36.80 -22.99
N VAL D 266 -79.68 -36.87 -23.00
CA VAL D 266 -80.34 -37.81 -22.09
C VAL D 266 -80.71 -39.02 -22.92
N GLN D 267 -79.97 -40.09 -22.71
CA GLN D 267 -80.48 -41.41 -22.98
C GLN D 267 -81.65 -41.50 -22.03
N ASN D 268 -82.84 -41.85 -22.55
CA ASN D 268 -83.89 -42.47 -21.75
C ASN D 268 -84.80 -41.61 -20.82
N VAL D 269 -85.42 -40.55 -21.33
CA VAL D 269 -86.62 -39.99 -20.71
C VAL D 269 -87.75 -39.94 -21.74
N LEU D 270 -88.58 -38.90 -21.68
CA LEU D 270 -89.84 -38.93 -22.42
C LEU D 270 -90.00 -37.85 -23.52
N PHE D 271 -90.49 -38.32 -24.67
CA PHE D 271 -90.40 -37.64 -25.96
C PHE D 271 -91.82 -37.37 -26.62
N ILE D 272 -92.19 -36.10 -26.68
CA ILE D 272 -93.37 -35.56 -27.33
C ILE D 272 -92.99 -34.95 -28.67
N PRO D 273 -93.11 -35.70 -29.80
CA PRO D 273 -92.89 -34.99 -31.07
C PRO D 273 -93.64 -33.68 -31.03
N ASN D 274 -92.98 -32.65 -31.51
CA ASN D 274 -93.19 -31.34 -30.91
C ASN D 274 -94.49 -30.91 -30.29
N LEU D 275 -95.25 -30.20 -31.13
CA LEU D 275 -96.04 -29.03 -30.74
C LEU D 275 -96.88 -29.33 -29.52
N ALA D 276 -96.13 -29.59 -28.47
CA ALA D 276 -96.59 -29.49 -27.13
C ALA D 276 -96.38 -28.01 -26.81
N VAL D 277 -96.31 -27.20 -27.88
CA VAL D 277 -96.59 -25.75 -27.89
C VAL D 277 -98.13 -25.67 -27.96
N GLN D 278 -98.69 -24.51 -28.29
CA GLN D 278 -100.17 -24.35 -28.39
C GLN D 278 -100.74 -25.02 -29.64
N GLN D 281 -98.05 -22.69 -17.36
CA GLN D 281 -97.22 -21.56 -16.92
C GLN D 281 -97.38 -20.24 -17.76
N ASP D 282 -97.51 -20.27 -19.09
CA ASP D 282 -96.85 -21.20 -20.04
C ASP D 282 -97.10 -22.72 -20.03
N LYS D 283 -98.37 -23.13 -20.12
CA LYS D 283 -98.71 -24.56 -20.18
C LYS D 283 -99.26 -24.99 -21.55
N TYR D 284 -98.60 -25.97 -22.15
CA TYR D 284 -99.13 -26.63 -23.33
C TYR D 284 -99.19 -28.13 -23.07
N VAL D 285 -100.13 -28.77 -23.76
CA VAL D 285 -100.88 -29.87 -23.18
C VAL D 285 -100.20 -31.20 -22.75
N VAL D 286 -100.66 -31.68 -21.59
CA VAL D 286 -100.61 -33.09 -21.20
C VAL D 286 -101.36 -33.90 -22.25
N ILE D 299 -98.24 -33.25 -17.50
CA ILE D 299 -97.95 -32.02 -16.75
C ILE D 299 -97.31 -30.95 -17.62
N GLU D 300 -95.98 -30.96 -17.67
CA GLU D 300 -95.21 -29.84 -18.23
C GLU D 300 -93.76 -30.15 -18.75
N ILE D 301 -92.84 -29.20 -18.47
CA ILE D 301 -91.87 -28.65 -19.46
C ILE D 301 -90.34 -28.89 -19.37
N GLY D 302 -89.71 -29.34 -20.47
CA GLY D 302 -88.27 -29.21 -20.71
C GLY D 302 -87.24 -30.19 -20.13
N VAL D 303 -86.18 -30.51 -20.89
CA VAL D 303 -85.71 -29.65 -21.99
C VAL D 303 -85.22 -30.30 -23.34
N GLN D 304 -85.15 -29.41 -24.33
CA GLN D 304 -85.66 -29.67 -25.68
C GLN D 304 -84.86 -30.35 -26.76
N ASN D 305 -85.51 -30.23 -27.92
CA ASN D 305 -84.98 -30.29 -29.30
C ASN D 305 -84.43 -31.57 -30.03
N ASP D 306 -84.27 -31.58 -31.36
CA ASP D 306 -84.57 -30.53 -32.35
C ASP D 306 -85.78 -29.60 -32.20
N PHE D 307 -87.00 -30.15 -32.23
CA PHE D 307 -88.20 -29.45 -31.78
C PHE D 307 -88.95 -30.54 -31.02
N GLN D 308 -88.95 -31.73 -31.60
CA GLN D 308 -89.01 -33.01 -30.90
C GLN D 308 -88.87 -32.99 -29.34
N THR D 309 -89.58 -32.12 -28.60
CA THR D 309 -89.29 -31.89 -27.15
C THR D 309 -89.36 -33.06 -26.12
N GLU D 310 -89.61 -32.68 -24.87
CA GLU D 310 -89.28 -33.44 -23.68
C GLU D 310 -89.90 -32.83 -22.41
N VAL D 311 -89.93 -33.70 -21.41
CA VAL D 311 -90.94 -33.81 -20.34
C VAL D 311 -90.88 -32.87 -19.14
N LYS D 312 -91.73 -33.16 -18.16
CA LYS D 312 -91.45 -32.87 -16.77
C LYS D 312 -91.96 -34.12 -16.04
N SER D 313 -92.41 -35.08 -16.86
CA SER D 313 -92.43 -36.52 -16.56
C SER D 313 -93.34 -37.10 -15.48
N GLY D 314 -94.05 -38.17 -15.84
CA GLY D 314 -94.38 -38.47 -17.23
C GLY D 314 -95.76 -37.83 -17.24
N LEU D 315 -96.83 -38.50 -17.70
CA LEU D 315 -96.90 -39.37 -18.90
C LEU D 315 -96.29 -40.80 -19.07
N THR D 316 -97.03 -41.65 -19.80
CA THR D 316 -96.45 -42.49 -20.87
C THR D 316 -97.40 -42.55 -22.03
N GLU D 317 -97.97 -43.72 -22.28
CA GLU D 317 -98.41 -44.13 -23.62
C GLU D 317 -99.58 -43.41 -24.35
N GLY D 318 -99.19 -42.58 -25.32
CA GLY D 318 -100.01 -42.19 -26.46
C GLY D 318 -100.51 -40.76 -26.55
N GLU D 319 -100.77 -40.19 -25.38
CA GLU D 319 -101.95 -39.36 -25.11
C GLU D 319 -102.14 -37.91 -25.65
N LYS D 320 -102.96 -37.14 -24.92
CA LYS D 320 -103.47 -35.80 -25.29
C LYS D 320 -102.47 -34.84 -25.97
#